data_6WI2
#
_entry.id   6WI2
#
_cell.length_a   86.430
_cell.length_b   86.430
_cell.length_c   246.120
_cell.angle_alpha   90.000
_cell.angle_beta   90.000
_cell.angle_gamma   90.000
#
_symmetry.space_group_name_H-M   'P 41 21 2'
#
loop_
_entity.id
_entity.type
_entity.pdbx_description
1 polymer 'Cysteine desulfurase, mitochondrial'
2 polymer 'LYR motif-containing protein 4'
3 polymer 'Acyl carrier protein'
4 polymer 'Iron-sulfur cluster assembly enzyme ISCU, mitochondrial'
5 non-polymer "PYRIDOXAL-5'-PHOSPHATE"
6 non-polymer 1,2-ETHANEDIOL
7 non-polymer GLYCEROL
8 non-polymer DI(HYDROXYETHYL)ETHER
9 non-polymer 'TETRAETHYLENE GLYCOL'
10 non-polymer 2-{2-[2-2-(METHOXY-ETHOXY)-ETHOXY]-ETHOXY}-ETHANOL
11 non-polymer 'TRIETHYLENE GLYCOL'
12 non-polymer '2-(N-MORPHOLINO)-ETHANESULFONIC ACID'
13 non-polymer '{[-(BIS-CARBOXYMETHYL-AMINO)-ETHYL]-CARBOXYMETHYL-AMINO}-ACETIC ACID'
14 non-polymer 'S-[2-({N-[(2R)-2-hydroxy-3,3-dimethyl-4-(phosphonooxy)butanoyl]-beta-alanyl}amino)ethyl] dodecanethioate'
15 non-polymer 'PENTAETHYLENE GLYCOL'
16 water water
#
loop_
_entity_poly.entity_id
_entity_poly.type
_entity_poly.pdbx_seq_one_letter_code
_entity_poly.pdbx_strand_id
1 'polypeptide(L)'
;MGSSLRPLYMDVQATTPLDPRVLDAMLPYLINYYGNPHSRTHAYGWESEAAMERARQQVASLIGADPREIIFTSGATESN
NIAIKGVARFYRSRKKHLITTQTEHKCVLDSCRSLEAEGFQVTYLPVQKSGIIDLKELEAAIQPDTSLVSVMTVNNEIGV
KQPIAEIGRICSSRKVYFHTDAAQAVGKIPLDVNDMKIDLMSISGHKIYGPKGVGAIYIRRRPRVRVEALQSGGGQERGM
RSGTVPTPLVVGLGAACEVAQQEMEYDHKRISKLSERLIQNIMKSLPDVVMNGDPKHHYPGCINLSFAYVEGESLLMALK
DVALSSGSACTSASLEPSYVLRAIGTDEDLAHSSIRFGIGRFTTEEEVDYTVEKCIQHVKRLREMSPLWEMVQDGIDLKS
IKWTQH
;
A
2 'polypeptide(L)'
;MAASSRAQVLALYRAMLRESKRFSAYNYRTYAVRRIRDAFRENKNVKDPVEIQTLVNKAKRDLGVIRRQVHIGQLYSTDK
LIIENRDMPRT
;
B
3 'polypeptide(L)' STIEERVKKIIGEQLGVKQEEVTNNASFVEDLGADSLDTVELVMALEEEFDTEIPDEEAEKITTVQAAIDYINGHQA C
4 'polypeptide(L)'
;MALSTQVVDHYENPRNVGSLDKTSKNVGTGLVGAPACGDVMKLQIQVDEKGKIVDARFKTFGCGSAIASSSLATEWVKGK
TVEEALTIKNTDIAKELCLPPVKLHCSMLAEDAIKAALADYKLKQEPKKGEAEKKLEHHHHHH
;
D
#
loop_
_chem_comp.id
_chem_comp.type
_chem_comp.name
_chem_comp.formula
1PE non-polymer 'PENTAETHYLENE GLYCOL' 'C10 H22 O6'
8Q1 non-polymer 'S-[2-({N-[(2R)-2-hydroxy-3,3-dimethyl-4-(phosphonooxy)butanoyl]-beta-alanyl}amino)ethyl] dodecanethioate' 'C23 H45 N2 O8 P S'
EDO non-polymer 1,2-ETHANEDIOL 'C2 H6 O2'
EDT non-polymer '{[-(BIS-CARBOXYMETHYL-AMINO)-ETHYL]-CARBOXYMETHYL-AMINO}-ACETIC ACID' 'C10 H16 N2 O8'
ETE non-polymer 2-{2-[2-2-(METHOXY-ETHOXY)-ETHOXY]-ETHOXY}-ETHANOL 'C9 H20 O5'
GOL non-polymer GLYCEROL 'C3 H8 O3'
MES non-polymer '2-(N-MORPHOLINO)-ETHANESULFONIC ACID' 'C6 H13 N O4 S'
PEG non-polymer DI(HYDROXYETHYL)ETHER 'C4 H10 O3'
PG4 non-polymer 'TETRAETHYLENE GLYCOL' 'C8 H18 O5'
PGE non-polymer 'TRIETHYLENE GLYCOL' 'C6 H14 O4'
PLP non-polymer PYRIDOXAL-5'-PHOSPHATE 'C8 H10 N O6 P'
#
# COMPACT_ATOMS: atom_id res chain seq x y z
N SER A 3 -18.05 11.93 10.11
CA SER A 3 -17.89 12.02 11.57
C SER A 3 -17.47 10.68 12.17
N SER A 4 -17.35 9.65 11.35
CA SER A 4 -16.98 8.38 11.94
C SER A 4 -15.47 8.15 11.86
N LEU A 5 -15.04 7.09 12.54
CA LEU A 5 -13.62 6.72 12.63
C LEU A 5 -13.09 6.33 11.26
N ARG A 6 -11.85 6.68 10.97
CA ARG A 6 -11.26 6.45 9.63
C ARG A 6 -10.61 5.07 9.52
N PRO A 7 -10.56 4.46 8.33
CA PRO A 7 -9.96 3.16 8.17
C PRO A 7 -8.43 3.24 8.18
N LEU A 8 -7.78 2.12 8.48
CA LEU A 8 -6.31 2.02 8.46
C LEU A 8 -5.85 2.12 7.02
N TYR A 9 -4.74 2.78 6.77
CA TYR A 9 -4.22 2.86 5.38
C TYR A 9 -3.23 1.71 5.15
N MET A 10 -3.61 0.75 4.34
CA MET A 10 -2.72 -0.39 4.01
C MET A 10 -2.61 -0.48 2.47
N ASP A 11 -2.51 0.66 1.80
CA ASP A 11 -2.52 0.75 0.32
C ASP A 11 -1.39 1.64 -0.21
N VAL A 12 -0.20 1.53 0.38
CA VAL A 12 0.95 2.40 0.00
C VAL A 12 1.37 2.22 -1.46
N GLN A 13 1.07 1.08 -2.07
CA GLN A 13 1.48 0.99 -3.48
C GLN A 13 0.63 1.88 -4.37
N ALA A 14 -0.62 2.22 -3.94
CA ALA A 14 -1.43 3.13 -4.75
C ALA A 14 -0.93 4.58 -4.63
N THR A 15 -0.52 4.95 -3.42
CA THR A 15 0.08 6.28 -3.13
C THR A 15 0.47 6.31 -1.66
N THR A 16 1.29 7.28 -1.31
CA THR A 16 1.71 7.36 0.09
C THR A 16 1.29 8.70 0.68
N PRO A 17 1.23 8.82 2.02
CA PRO A 17 1.02 10.09 2.66
C PRO A 17 2.33 10.84 2.48
N LEU A 18 2.27 12.17 2.47
CA LEU A 18 3.58 12.99 2.62
CA LEU A 18 3.57 13.00 2.61
C LEU A 18 4.34 12.95 4.04
N ASP A 19 5.59 12.57 3.86
CA ASP A 19 6.47 12.68 5.02
C ASP A 19 6.40 14.12 5.55
N PRO A 20 6.11 14.31 6.85
CA PRO A 20 6.07 15.64 7.44
C PRO A 20 7.35 16.42 7.10
N ARG A 21 8.48 15.74 6.96
CA ARG A 21 9.76 16.42 6.60
C ARG A 21 9.64 16.98 5.19
N VAL A 22 8.95 16.28 4.31
CA VAL A 22 8.76 16.72 2.91
C VAL A 22 7.81 17.92 2.88
N LEU A 23 6.67 17.83 3.55
CA LEU A 23 5.74 18.99 3.56
C LEU A 23 6.47 20.18 4.17
N ASP A 24 7.22 19.97 5.24
CA ASP A 24 7.92 21.11 5.84
C ASP A 24 8.87 21.77 4.83
N ALA A 25 9.60 20.97 4.05
CA ALA A 25 10.53 21.56 3.06
C ALA A 25 9.81 22.32 1.95
N MET A 26 8.60 21.85 1.57
CA MET A 26 7.81 22.44 0.48
C MET A 26 7.17 23.76 0.86
N LEU A 27 6.69 23.86 2.09
CA LEU A 27 5.83 24.99 2.55
C LEU A 27 6.39 26.39 2.27
N PRO A 28 7.69 26.69 2.46
CA PRO A 28 8.20 28.01 2.11
C PRO A 28 7.98 28.37 0.64
N TYR A 29 7.96 27.38 -0.24
CA TYR A 29 7.77 27.63 -1.68
C TYR A 29 6.28 27.83 -2.02
N LEU A 30 5.41 27.48 -1.10
CA LEU A 30 3.95 27.64 -1.29
C LEU A 30 3.50 28.95 -0.65
N ILE A 31 4.40 29.62 0.04
CA ILE A 31 4.07 30.86 0.78
C ILE A 31 4.92 32.03 0.29
N ASN A 32 6.20 32.09 0.61
CA ASN A 32 6.94 33.31 0.22
C ASN A 32 7.83 33.12 -1.01
N TYR A 33 8.35 31.93 -1.24
CA TYR A 33 9.30 31.71 -2.35
C TYR A 33 8.53 31.20 -3.56
N TYR A 34 7.66 32.04 -4.10
CA TYR A 34 6.75 31.61 -5.18
C TYR A 34 7.26 31.94 -6.58
N GLY A 35 8.49 32.40 -6.70
CA GLY A 35 8.96 32.76 -8.03
C GLY A 35 9.04 31.57 -8.98
N ASN A 36 9.07 31.94 -10.25
CA ASN A 36 9.22 30.99 -11.35
C ASN A 36 10.72 30.68 -11.50
N PRO A 37 11.17 29.42 -11.44
CA PRO A 37 12.59 29.11 -11.48
C PRO A 37 13.28 29.51 -12.79
N HIS A 38 12.49 29.87 -13.79
CA HIS A 38 12.97 30.27 -15.12
C HIS A 38 13.06 31.80 -15.20
N SER A 39 12.61 32.51 -14.18
CA SER A 39 12.71 33.98 -14.13
C SER A 39 14.19 34.32 -13.86
N ARG A 40 14.91 34.83 -14.82
CA ARG A 40 16.38 34.97 -14.64
C ARG A 40 16.81 36.33 -14.10
N THR A 41 15.91 37.29 -13.91
CA THR A 41 16.43 38.63 -13.63
C THR A 41 16.09 39.15 -12.23
N HIS A 42 15.54 38.31 -11.34
CA HIS A 42 15.31 38.84 -9.99
C HIS A 42 15.42 37.73 -8.95
N ALA A 43 15.46 38.11 -7.67
CA ALA A 43 15.67 37.22 -6.51
C ALA A 43 14.59 36.14 -6.36
N TYR A 44 13.35 36.43 -6.72
CA TYR A 44 12.30 35.40 -6.65
C TYR A 44 12.70 34.25 -7.59
N GLY A 45 13.13 34.57 -8.79
CA GLY A 45 13.61 33.55 -9.73
C GLY A 45 14.88 32.89 -9.23
N TRP A 46 15.82 33.67 -8.71
CA TRP A 46 17.13 33.10 -8.30
C TRP A 46 16.93 32.10 -7.17
N GLU A 47 16.11 32.45 -6.20
CA GLU A 47 16.01 31.53 -5.08
C GLU A 47 15.18 30.29 -5.46
N SER A 48 14.20 30.46 -6.35
CA SER A 48 13.42 29.34 -6.84
C SER A 48 14.27 28.44 -7.72
N GLU A 49 15.11 29.05 -8.58
CA GLU A 49 16.05 28.24 -9.36
C GLU A 49 17.03 27.46 -8.47
N ALA A 50 17.54 28.08 -7.42
CA ALA A 50 18.48 27.39 -6.53
C ALA A 50 17.81 26.20 -5.83
N ALA A 51 16.56 26.35 -5.42
CA ALA A 51 15.84 25.25 -4.75
C ALA A 51 15.66 24.10 -5.75
N MET A 52 15.34 24.42 -6.99
CA MET A 52 15.18 23.41 -8.04
C MET A 52 16.48 22.62 -8.22
N GLU A 53 17.60 23.31 -8.27
CA GLU A 53 18.92 22.68 -8.52
C GLU A 53 19.41 21.89 -7.31
N ARG A 54 19.06 22.37 -6.11
CA ARG A 54 19.24 21.55 -4.88
CA ARG A 54 19.24 21.55 -4.87
C ARG A 54 18.51 20.13 -4.83
N ALA A 55 17.21 20.25 -5.13
CA ALA A 55 16.31 19.11 -5.36
C ALA A 55 16.91 18.19 -6.41
N ARG A 56 17.41 18.75 -7.51
CA ARG A 56 17.94 17.87 -8.58
C ARG A 56 19.14 17.07 -8.07
N GLN A 57 19.96 17.70 -7.24
CA GLN A 57 21.13 17.00 -6.66
C GLN A 57 20.65 15.94 -5.66
N GLN A 58 19.60 16.21 -4.91
CA GLN A 58 19.08 15.22 -3.94
C GLN A 58 18.60 13.98 -4.70
N VAL A 59 17.91 14.16 -5.81
CA VAL A 59 17.43 13.01 -6.60
C VAL A 59 18.64 12.23 -7.12
N ALA A 60 19.57 12.95 -7.71
CA ALA A 60 20.79 12.33 -8.28
C ALA A 60 21.53 11.53 -7.22
N SER A 61 21.74 12.10 -6.03
CA SER A 61 22.49 11.40 -4.96
C SER A 61 21.84 10.06 -4.62
N LEU A 62 20.52 10.01 -4.56
CA LEU A 62 19.86 8.75 -4.19
C LEU A 62 20.17 7.63 -5.19
N ILE A 63 20.27 7.94 -6.49
CA ILE A 63 20.45 6.86 -7.49
C ILE A 63 21.87 6.77 -8.07
N GLY A 64 22.83 7.50 -7.54
CA GLY A 64 24.19 7.43 -8.04
C GLY A 64 24.41 8.19 -9.33
N ALA A 65 23.54 9.15 -9.67
CA ALA A 65 23.63 9.89 -10.92
C ALA A 65 24.35 11.24 -10.74
N ASP A 66 24.66 11.87 -11.85
CA ASP A 66 25.03 13.29 -11.99
C ASP A 66 23.76 14.13 -12.07
N PRO A 67 23.66 15.26 -11.35
CA PRO A 67 22.43 16.04 -11.41
C PRO A 67 22.03 16.42 -12.82
N ARG A 68 23.00 16.58 -13.72
CA ARG A 68 22.68 16.96 -15.08
C ARG A 68 21.85 15.87 -15.79
N GLU A 69 21.87 14.66 -15.25
CA GLU A 69 21.14 13.50 -15.83
C GLU A 69 19.70 13.43 -15.31
N ILE A 70 19.33 14.32 -14.40
CA ILE A 70 17.97 14.31 -13.82
C ILE A 70 17.09 15.35 -14.51
N ILE A 71 15.98 14.90 -15.07
CA ILE A 71 14.96 15.74 -15.75
C ILE A 71 13.66 15.68 -14.95
N PHE A 72 13.14 16.80 -14.52
CA PHE A 72 11.88 16.70 -13.75
C PHE A 72 10.64 16.54 -14.66
N THR A 73 9.63 15.79 -14.17
CA THR A 73 8.42 15.48 -14.94
C THR A 73 7.21 15.59 -13.98
N SER A 74 6.03 15.31 -14.51
CA SER A 74 4.85 15.34 -13.66
C SER A 74 4.54 13.99 -13.00
N GLY A 75 5.34 12.96 -13.21
CA GLY A 75 5.04 11.68 -12.57
C GLY A 75 5.81 10.62 -13.31
N ALA A 76 5.73 9.38 -12.83
CA ALA A 76 6.40 8.26 -13.53
C ALA A 76 5.67 7.95 -14.84
N THR A 77 4.38 8.26 -14.92
CA THR A 77 3.62 8.05 -16.17
C THR A 77 4.32 8.85 -17.27
N GLU A 78 4.53 10.13 -17.02
CA GLU A 78 5.20 10.98 -18.02
C GLU A 78 6.61 10.45 -18.27
N SER A 79 7.35 10.12 -17.21
CA SER A 79 8.73 9.62 -17.42
C SER A 79 8.74 8.37 -18.30
N ASN A 80 7.86 7.41 -18.01
CA ASN A 80 7.79 6.21 -18.86
C ASN A 80 7.45 6.54 -20.31
N ASN A 81 6.59 7.53 -20.53
CA ASN A 81 6.25 7.93 -21.91
C ASN A 81 7.49 8.48 -22.59
N ILE A 82 8.22 9.35 -21.89
CA ILE A 82 9.44 9.98 -22.42
C ILE A 82 10.48 8.91 -22.75
N ALA A 83 10.73 8.00 -21.83
CA ALA A 83 11.76 6.96 -22.04
C ALA A 83 11.40 6.09 -23.24
N ILE A 84 10.20 5.56 -23.28
CA ILE A 84 9.80 4.61 -24.35
C ILE A 84 9.57 5.31 -25.68
N LYS A 85 8.73 6.33 -25.72
CA LYS A 85 8.45 7.03 -27.00
C LYS A 85 9.65 7.86 -27.45
N GLY A 86 10.37 8.46 -26.52
CA GLY A 86 11.52 9.32 -26.84
C GLY A 86 12.67 8.55 -27.46
N VAL A 87 13.01 7.42 -26.88
CA VAL A 87 14.11 6.60 -27.43
C VAL A 87 13.65 6.00 -28.76
N ALA A 88 12.47 5.40 -28.79
CA ALA A 88 11.94 4.77 -30.03
C ALA A 88 11.93 5.79 -31.17
N ARG A 89 11.40 6.97 -30.93
CA ARG A 89 11.28 7.95 -32.02
C ARG A 89 12.65 8.49 -32.42
N PHE A 90 13.60 8.55 -31.51
CA PHE A 90 14.90 9.14 -31.87
C PHE A 90 15.68 8.21 -32.82
N TYR A 91 15.74 6.92 -32.51
CA TYR A 91 16.55 5.98 -33.31
C TYR A 91 15.66 5.24 -34.32
N ARG A 92 14.56 5.83 -34.72
CA ARG A 92 13.60 5.17 -35.64
C ARG A 92 14.18 4.97 -37.05
N SER A 93 15.17 5.77 -37.46
CA SER A 93 15.79 5.62 -38.79
C SER A 93 16.48 4.26 -38.86
N ARG A 94 17.15 3.87 -37.79
CA ARG A 94 17.92 2.61 -37.76
C ARG A 94 17.31 1.53 -36.86
N LYS A 95 16.40 1.88 -35.94
CA LYS A 95 15.92 0.82 -35.02
C LYS A 95 14.41 0.83 -34.87
N LYS A 96 13.76 -0.32 -34.98
CA LYS A 96 12.29 -0.30 -34.86
C LYS A 96 11.77 -1.38 -33.90
N HIS A 97 12.65 -2.00 -33.15
CA HIS A 97 12.21 -3.08 -32.23
C HIS A 97 12.39 -2.62 -30.78
N LEU A 98 11.34 -2.70 -29.99
CA LEU A 98 11.57 -2.66 -28.43
CA LEU A 98 11.60 -2.66 -28.44
C LEU A 98 11.23 -3.89 -27.59
N ILE A 99 11.86 -4.17 -26.49
CA ILE A 99 11.45 -5.32 -25.64
C ILE A 99 10.97 -4.81 -24.29
N THR A 100 9.86 -5.36 -23.81
CA THR A 100 9.43 -5.06 -22.47
C THR A 100 8.86 -6.37 -21.93
N THR A 101 8.08 -6.31 -20.84
CA THR A 101 7.53 -7.56 -20.30
C THR A 101 6.01 -7.46 -20.14
N GLN A 102 5.38 -8.61 -19.90
CA GLN A 102 3.93 -8.64 -19.80
C GLN A 102 3.41 -8.11 -18.48
N THR A 103 4.25 -7.89 -17.46
CA THR A 103 3.72 -7.42 -16.18
C THR A 103 4.04 -5.95 -15.92
N GLU A 104 4.52 -5.24 -16.90
CA GLU A 104 4.81 -3.82 -16.71
C GLU A 104 3.55 -3.04 -16.37
N HIS A 105 3.78 -1.86 -15.81
CA HIS A 105 2.71 -0.94 -15.49
C HIS A 105 2.01 -0.49 -16.77
N LYS A 106 0.74 -0.09 -16.64
CA LYS A 106 -0.03 0.14 -17.88
C LYS A 106 0.53 1.26 -18.76
N CYS A 107 1.27 2.21 -18.19
CA CYS A 107 1.82 3.30 -19.02
C CYS A 107 2.96 2.82 -19.91
N VAL A 108 3.79 1.90 -19.42
CA VAL A 108 4.78 1.25 -20.27
C VAL A 108 4.07 0.44 -21.37
N LEU A 109 3.10 -0.40 -20.98
CA LEU A 109 2.43 -1.25 -21.97
C LEU A 109 1.70 -0.41 -23.02
N ASP A 110 0.97 0.61 -22.58
CA ASP A 110 0.22 1.42 -23.54
C ASP A 110 1.15 2.29 -24.37
N SER A 111 2.28 2.73 -23.82
CA SER A 111 3.25 3.44 -24.68
C SER A 111 3.75 2.50 -25.76
N CYS A 112 4.07 1.26 -25.38
CA CYS A 112 4.46 0.28 -26.41
C CYS A 112 3.33 0.02 -27.40
N ARG A 113 2.10 -0.09 -26.93
CA ARG A 113 0.99 -0.28 -27.87
C ARG A 113 0.89 0.88 -28.85
N SER A 114 1.05 2.12 -28.35
CA SER A 114 1.02 3.28 -29.25
C SER A 114 2.13 3.20 -30.29
N LEU A 115 3.33 2.72 -29.91
CA LEU A 115 4.40 2.60 -30.90
C LEU A 115 4.12 1.52 -31.93
N GLU A 116 3.45 0.44 -31.53
CA GLU A 116 3.09 -0.59 -32.52
C GLU A 116 2.21 0.02 -33.61
N ALA A 117 1.23 0.85 -33.22
CA ALA A 117 0.42 1.57 -34.20
C ALA A 117 1.24 2.53 -35.03
N GLU A 118 2.44 2.90 -34.60
CA GLU A 118 3.33 3.74 -35.38
C GLU A 118 4.26 2.94 -36.27
N GLY A 119 4.08 1.62 -36.34
CA GLY A 119 5.00 0.80 -37.11
C GLY A 119 6.23 0.27 -36.40
N PHE A 120 6.26 0.28 -35.05
CA PHE A 120 7.34 -0.37 -34.31
C PHE A 120 6.94 -1.82 -34.00
N GLN A 121 7.95 -2.65 -33.80
CA GLN A 121 7.73 -4.05 -33.37
C GLN A 121 8.09 -4.11 -31.88
N VAL A 122 7.23 -4.73 -31.09
CA VAL A 122 7.45 -4.84 -29.64
C VAL A 122 7.36 -6.31 -29.27
N THR A 123 8.34 -6.80 -28.52
CA THR A 123 8.24 -8.11 -27.87
C THR A 123 7.84 -7.89 -26.43
N TYR A 124 6.68 -8.46 -26.04
CA TYR A 124 6.26 -8.44 -24.64
C TYR A 124 6.71 -9.77 -24.02
N LEU A 125 7.82 -9.74 -23.29
CA LEU A 125 8.35 -10.98 -22.73
C LEU A 125 7.38 -11.60 -21.71
N PRO A 126 7.17 -12.92 -21.72
CA PRO A 126 6.45 -13.53 -20.59
C PRO A 126 7.32 -13.52 -19.35
N VAL A 127 6.72 -13.81 -18.22
CA VAL A 127 7.45 -13.99 -16.98
C VAL A 127 7.24 -15.43 -16.51
N GLN A 128 8.12 -15.88 -15.63
CA GLN A 128 7.85 -17.20 -15.08
C GLN A 128 6.76 -17.11 -14.01
N LYS A 129 6.36 -18.26 -13.46
CA LYS A 129 5.29 -18.24 -12.44
C LYS A 129 5.69 -17.47 -11.18
N SER A 130 6.99 -17.31 -10.96
CA SER A 130 7.55 -16.45 -9.93
C SER A 130 7.29 -14.97 -10.19
N GLY A 131 6.89 -14.57 -11.40
CA GLY A 131 6.82 -13.18 -11.73
C GLY A 131 8.13 -12.64 -12.32
N ILE A 132 9.21 -13.44 -12.31
CA ILE A 132 10.54 -12.97 -12.79
C ILE A 132 10.72 -13.34 -14.26
N ILE A 133 11.29 -12.42 -15.06
CA ILE A 133 11.61 -12.75 -16.46
C ILE A 133 12.67 -13.84 -16.48
N ASP A 134 12.79 -14.49 -17.63
CA ASP A 134 13.88 -15.42 -17.93
C ASP A 134 15.01 -14.66 -18.63
N LEU A 135 16.11 -14.43 -17.94
CA LEU A 135 17.25 -13.64 -18.50
C LEU A 135 17.67 -14.17 -19.86
N LYS A 136 17.73 -15.48 -20.01
CA LYS A 136 18.16 -16.09 -21.30
C LYS A 136 17.10 -15.83 -22.37
N GLU A 137 15.82 -15.75 -22.01
CA GLU A 137 14.81 -15.38 -23.03
C GLU A 137 14.98 -13.91 -23.42
N LEU A 138 15.27 -13.04 -22.47
CA LEU A 138 15.62 -11.65 -22.83
C LEU A 138 16.77 -11.60 -23.84
N GLU A 139 17.87 -12.30 -23.54
CA GLU A 139 19.03 -12.31 -24.45
C GLU A 139 18.62 -12.71 -25.86
N ALA A 140 17.86 -13.80 -25.98
CA ALA A 140 17.49 -14.34 -27.28
C ALA A 140 16.60 -13.39 -28.04
N ALA A 141 15.84 -12.55 -27.34
CA ALA A 141 14.90 -11.68 -28.00
C ALA A 141 15.57 -10.44 -28.60
N ILE A 142 16.79 -10.11 -28.18
CA ILE A 142 17.39 -8.87 -28.70
C ILE A 142 17.74 -9.06 -30.16
N GLN A 143 17.32 -8.12 -31.02
CA GLN A 143 17.51 -8.14 -32.47
C GLN A 143 18.52 -7.07 -32.88
N PRO A 144 18.94 -7.00 -34.16
CA PRO A 144 19.89 -6.00 -34.59
C PRO A 144 19.29 -4.60 -34.53
N ASP A 145 18.01 -4.47 -34.83
CA ASP A 145 17.34 -3.14 -34.79
C ASP A 145 16.62 -2.95 -33.45
N THR A 146 17.09 -3.55 -32.37
CA THR A 146 16.44 -3.37 -31.05
C THR A 146 16.93 -2.05 -30.42
N SER A 147 16.07 -1.06 -30.23
CA SER A 147 16.56 0.19 -29.62
C SER A 147 16.46 0.20 -28.10
N LEU A 148 15.45 -0.44 -27.52
CA LEU A 148 15.30 -0.31 -26.07
C LEU A 148 14.74 -1.55 -25.38
N VAL A 149 15.21 -1.77 -24.16
CA VAL A 149 14.66 -2.80 -23.26
C VAL A 149 14.12 -2.04 -22.05
N SER A 150 12.88 -2.31 -21.68
CA SER A 150 12.26 -1.65 -20.50
C SER A 150 11.72 -2.70 -19.55
N VAL A 151 12.27 -2.77 -18.34
CA VAL A 151 11.86 -3.78 -17.33
C VAL A 151 11.79 -3.10 -15.97
N MET A 152 10.65 -3.18 -15.31
CA MET A 152 10.45 -2.46 -14.03
C MET A 152 11.25 -3.10 -12.90
N THR A 153 11.70 -2.29 -11.98
CA THR A 153 12.54 -2.73 -10.84
C THR A 153 11.71 -3.52 -9.82
N VAL A 154 10.58 -2.98 -9.38
CA VAL A 154 9.68 -3.67 -8.41
C VAL A 154 8.26 -3.62 -8.97
N ASN A 155 7.54 -4.72 -8.96
CA ASN A 155 6.15 -4.73 -9.49
C ASN A 155 5.20 -4.09 -8.48
N ASN A 156 4.31 -3.25 -8.98
CA ASN A 156 3.34 -2.48 -8.17
C ASN A 156 2.23 -3.36 -7.62
N GLU A 157 1.93 -4.46 -8.28
CA GLU A 157 0.83 -5.36 -7.90
C GLU A 157 1.29 -6.51 -7.00
N ILE A 158 2.41 -7.16 -7.31
CA ILE A 158 2.91 -8.32 -6.53
C ILE A 158 4.26 -8.05 -5.86
N GLY A 159 4.90 -6.93 -6.11
CA GLY A 159 6.14 -6.57 -5.40
C GLY A 159 7.40 -7.35 -5.79
N VAL A 160 7.34 -8.17 -6.83
CA VAL A 160 8.54 -8.95 -7.24
C VAL A 160 9.61 -8.02 -7.80
N LYS A 161 10.87 -8.38 -7.60
CA LYS A 161 12.05 -7.62 -8.05
C LYS A 161 12.66 -8.28 -9.28
N GLN A 162 12.79 -7.55 -10.38
CA GLN A 162 13.45 -8.10 -11.60
C GLN A 162 14.97 -8.04 -11.43
N PRO A 163 15.80 -8.86 -12.11
CA PRO A 163 17.26 -8.80 -11.96
C PRO A 163 17.82 -7.62 -12.78
N ILE A 164 17.65 -6.41 -12.26
CA ILE A 164 18.02 -5.17 -12.97
C ILE A 164 19.50 -5.15 -13.36
N ALA A 165 20.39 -5.43 -12.41
CA ALA A 165 21.83 -5.44 -12.70
C ALA A 165 22.16 -6.44 -13.80
N GLU A 166 21.56 -7.62 -13.78
CA GLU A 166 21.84 -8.65 -14.82
C GLU A 166 21.28 -8.20 -16.16
N ILE A 167 20.14 -7.54 -16.16
CA ILE A 167 19.54 -7.02 -17.42
C ILE A 167 20.45 -5.92 -17.97
N GLY A 168 20.97 -5.06 -17.11
CA GLY A 168 21.88 -3.99 -17.54
C GLY A 168 23.11 -4.59 -18.21
N ARG A 169 23.68 -5.64 -17.62
CA ARG A 169 24.86 -6.34 -18.19
C ARG A 169 24.52 -6.81 -19.60
N ILE A 170 23.37 -7.40 -19.79
CA ILE A 170 22.96 -7.90 -21.13
C ILE A 170 22.85 -6.76 -22.12
N CYS A 171 22.12 -5.71 -21.76
CA CYS A 171 21.87 -4.58 -22.68
C CYS A 171 23.16 -3.81 -23.00
N SER A 172 23.94 -3.50 -21.99
CA SER A 172 25.21 -2.77 -22.16
C SER A 172 26.07 -3.49 -23.19
N SER A 173 26.27 -4.79 -22.97
CA SER A 173 27.12 -5.65 -23.82
C SER A 173 26.63 -5.70 -25.28
N ARG A 174 25.37 -5.42 -25.52
CA ARG A 174 24.84 -5.44 -26.89
C ARG A 174 24.53 -4.04 -27.40
N LYS A 175 24.93 -3.01 -26.65
CA LYS A 175 24.61 -1.61 -26.96
C LYS A 175 23.13 -1.42 -27.29
N VAL A 176 22.31 -1.86 -26.35
CA VAL A 176 20.85 -1.64 -26.38
C VAL A 176 20.54 -0.77 -25.15
N TYR A 177 19.78 0.29 -25.31
CA TYR A 177 19.44 1.16 -24.16
C TYR A 177 18.56 0.38 -23.18
N PHE A 178 18.79 0.55 -21.89
CA PHE A 178 18.02 -0.14 -20.83
C PHE A 178 17.27 0.88 -19.95
N HIS A 179 15.95 0.82 -19.99
CA HIS A 179 15.10 1.69 -19.14
C HIS A 179 14.46 0.82 -18.07
N THR A 180 14.42 1.32 -16.83
CA THR A 180 13.66 0.64 -15.77
C THR A 180 12.68 1.61 -15.10
N ASP A 181 11.43 1.22 -15.06
CA ASP A 181 10.44 1.93 -14.26
C ASP A 181 10.72 1.59 -12.81
N ALA A 182 11.30 2.54 -12.05
CA ALA A 182 11.68 2.28 -10.65
C ALA A 182 10.70 2.92 -9.68
N ALA A 183 9.50 3.24 -10.15
CA ALA A 183 8.57 4.00 -9.32
C ALA A 183 8.33 3.33 -7.96
N GLN A 184 8.26 2.00 -7.93
CA GLN A 184 7.98 1.31 -6.67
C GLN A 184 9.26 0.92 -5.92
N ALA A 185 10.42 1.24 -6.45
CA ALA A 185 11.66 0.82 -5.80
C ALA A 185 12.49 1.96 -5.22
N VAL A 186 12.42 3.12 -5.86
CA VAL A 186 13.21 4.31 -5.46
C VAL A 186 13.04 4.58 -3.97
N GLY A 187 14.15 4.61 -3.26
CA GLY A 187 14.15 4.88 -1.82
C GLY A 187 13.74 3.70 -0.97
N LYS A 188 13.49 2.52 -1.56
CA LYS A 188 13.04 1.34 -0.80
C LYS A 188 14.12 0.25 -0.88
N ILE A 189 14.73 0.12 -2.04
CA ILE A 189 15.87 -0.82 -2.24
C ILE A 189 17.02 -0.05 -2.88
N PRO A 190 18.29 -0.47 -2.69
CA PRO A 190 19.41 0.22 -3.29
C PRO A 190 19.31 0.34 -4.80
N LEU A 191 19.57 1.52 -5.31
CA LEU A 191 19.62 1.76 -6.76
C LEU A 191 20.90 2.52 -7.07
N ASP A 192 21.69 2.00 -7.99
CA ASP A 192 22.86 2.73 -8.43
C ASP A 192 22.94 2.60 -9.96
N VAL A 193 22.84 3.72 -10.67
CA VAL A 193 22.67 3.63 -12.13
C VAL A 193 23.91 3.04 -12.78
N ASN A 194 25.08 3.26 -12.19
CA ASN A 194 26.29 2.71 -12.79
C ASN A 194 26.48 1.23 -12.44
N ASP A 195 26.29 0.83 -11.19
CA ASP A 195 26.46 -0.60 -10.90
C ASP A 195 25.41 -1.45 -11.61
N MET A 196 24.24 -0.88 -11.86
CA MET A 196 23.15 -1.64 -12.52
C MET A 196 23.15 -1.43 -14.02
N LYS A 197 24.02 -0.57 -14.53
CA LYS A 197 24.11 -0.28 -15.97
C LYS A 197 22.76 0.17 -16.52
N ILE A 198 22.13 1.11 -15.83
CA ILE A 198 20.83 1.66 -16.27
C ILE A 198 21.10 2.85 -17.21
N ASP A 199 20.33 2.98 -18.28
CA ASP A 199 20.41 4.12 -19.21
C ASP A 199 19.31 5.15 -18.93
N LEU A 200 18.12 4.69 -18.56
CA LEU A 200 17.01 5.58 -18.25
C LEU A 200 16.26 5.01 -17.06
N MET A 201 15.69 5.88 -16.23
CA MET A 201 14.92 5.39 -15.10
C MET A 201 13.76 6.34 -14.78
N SER A 202 12.59 5.79 -14.47
CA SER A 202 11.40 6.58 -14.11
C SER A 202 11.23 6.59 -12.59
N ILE A 203 10.87 7.76 -12.06
CA ILE A 203 10.74 8.02 -10.64
C ILE A 203 9.42 8.74 -10.38
N SER A 204 8.66 8.30 -9.37
CA SER A 204 7.40 8.96 -8.97
C SER A 204 7.52 9.54 -7.55
N GLY A 205 7.21 10.83 -7.38
CA GLY A 205 7.26 11.42 -6.02
C GLY A 205 6.28 10.81 -5.03
N HIS A 206 5.06 10.50 -5.45
CA HIS A 206 4.02 10.07 -4.49
C HIS A 206 4.10 8.59 -4.07
N LYS A 207 5.04 7.84 -4.61
CA LYS A 207 5.26 6.45 -4.18
C LYS A 207 6.33 6.47 -3.08
N ILE A 208 6.97 7.62 -2.86
CA ILE A 208 8.07 7.70 -1.88
C ILE A 208 7.86 8.82 -0.86
N TYR A 209 6.63 9.06 -0.38
CA TYR A 209 6.30 10.05 0.68
C TYR A 209 6.53 11.50 0.22
N GLY A 210 6.53 11.67 -1.09
CA GLY A 210 6.62 12.98 -1.72
C GLY A 210 5.27 13.40 -2.28
N PRO A 211 5.12 14.62 -2.81
CA PRO A 211 3.84 15.08 -3.29
C PRO A 211 3.44 14.45 -4.63
N LYS A 212 2.13 14.45 -4.88
CA LYS A 212 1.60 13.96 -6.17
C LYS A 212 1.86 15.01 -7.24
N GLY A 213 1.89 14.59 -8.50
CA GLY A 213 2.06 15.53 -9.62
C GLY A 213 3.52 15.82 -9.95
N VAL A 214 4.42 14.99 -9.45
CA VAL A 214 5.85 15.21 -9.76
C VAL A 214 6.60 13.87 -9.85
N GLY A 215 7.59 13.88 -10.70
CA GLY A 215 8.45 12.72 -10.90
C GLY A 215 9.73 13.14 -11.57
N ALA A 216 10.52 12.17 -11.95
CA ALA A 216 11.74 12.49 -12.70
C ALA A 216 12.10 11.33 -13.60
N ILE A 217 12.94 11.65 -14.57
CA ILE A 217 13.52 10.61 -15.45
C ILE A 217 15.03 10.83 -15.47
N TYR A 218 15.75 9.78 -15.16
CA TYR A 218 17.22 9.78 -15.25
C TYR A 218 17.53 9.45 -16.71
N ILE A 219 18.33 10.27 -17.35
CA ILE A 219 18.79 10.01 -18.75
C ILE A 219 20.33 10.06 -18.73
N ARG A 220 20.95 8.90 -18.90
CA ARG A 220 22.40 8.75 -18.82
C ARG A 220 23.11 9.68 -19.79
N ARG A 221 24.09 10.42 -19.31
CA ARG A 221 24.81 11.28 -20.23
C ARG A 221 26.14 10.72 -20.68
N ARG A 222 26.71 9.72 -20.00
CA ARG A 222 27.88 9.03 -20.57
C ARG A 222 27.83 7.52 -20.31
N PRO A 223 27.83 6.69 -21.36
CA PRO A 223 27.68 7.13 -22.76
C PRO A 223 26.34 7.79 -23.03
N ARG A 224 26.30 8.77 -23.92
CA ARG A 224 25.13 9.63 -24.05
C ARG A 224 23.94 8.85 -24.61
N VAL A 225 22.80 8.94 -23.94
CA VAL A 225 21.56 8.35 -24.42
C VAL A 225 20.74 9.48 -25.00
N ARG A 226 20.25 9.33 -26.21
CA ARG A 226 19.50 10.40 -26.86
C ARG A 226 18.01 10.08 -26.79
N VAL A 227 17.20 11.09 -26.58
CA VAL A 227 15.75 10.96 -26.48
C VAL A 227 15.15 12.14 -27.22
N GLU A 228 14.15 11.85 -28.05
CA GLU A 228 13.36 12.90 -28.69
C GLU A 228 12.37 13.45 -27.66
N ALA A 229 12.35 14.76 -27.44
CA ALA A 229 11.42 15.31 -26.45
C ALA A 229 9.96 15.16 -26.93
N LEU A 230 9.05 14.99 -25.97
CA LEU A 230 7.62 14.80 -26.29
C LEU A 230 6.81 16.07 -26.06
N GLN A 231 7.11 16.83 -24.99
CA GLN A 231 6.37 18.06 -24.69
C GLN A 231 7.11 19.25 -25.33
N SER A 232 6.49 19.88 -26.32
CA SER A 232 7.06 21.03 -27.03
C SER A 232 6.93 22.32 -26.19
N GLY A 233 7.84 23.26 -26.40
CA GLY A 233 7.86 24.45 -25.57
C GLY A 233 9.19 25.16 -25.66
N GLY A 234 9.48 25.96 -24.64
CA GLY A 234 10.66 26.80 -24.71
C GLY A 234 11.96 26.16 -24.28
N GLY A 235 12.03 24.84 -24.14
CA GLY A 235 13.32 24.22 -23.88
C GLY A 235 13.73 24.07 -22.43
N GLN A 236 12.80 24.20 -21.48
CA GLN A 236 13.17 23.97 -20.09
C GLN A 236 13.68 22.53 -19.94
N GLU A 237 14.37 22.25 -18.83
CA GLU A 237 14.90 20.92 -18.56
C GLU A 237 15.74 20.41 -19.74
N ARG A 238 16.70 21.26 -20.18
CA ARG A 238 17.67 20.92 -21.24
C ARG A 238 16.95 20.51 -22.53
N GLY A 239 15.79 21.10 -22.81
CA GLY A 239 15.04 20.73 -24.01
C GLY A 239 14.27 19.42 -23.89
N MET A 240 14.59 18.62 -22.89
CA MET A 240 13.73 17.39 -22.69
CA MET A 240 13.72 17.39 -22.66
C MET A 240 12.32 17.42 -22.00
N ARG A 241 11.97 18.50 -21.31
CA ARG A 241 10.64 18.60 -20.68
C ARG A 241 10.31 20.08 -20.59
N SER A 242 9.78 20.62 -21.67
CA SER A 242 9.36 22.04 -21.75
C SER A 242 8.20 22.27 -20.79
N GLY A 243 8.11 23.47 -20.27
CA GLY A 243 7.09 23.82 -19.31
C GLY A 243 7.73 24.38 -18.04
N THR A 244 6.89 24.91 -17.18
CA THR A 244 7.34 25.56 -15.94
C THR A 244 7.68 24.49 -14.88
N VAL A 245 8.93 24.42 -14.48
CA VAL A 245 9.30 23.45 -13.42
C VAL A 245 8.58 23.88 -12.13
N PRO A 246 7.74 23.03 -11.54
CA PRO A 246 6.97 23.37 -10.35
C PRO A 246 7.84 23.29 -9.08
N THR A 247 8.48 24.40 -8.73
CA THR A 247 9.44 24.49 -7.60
C THR A 247 8.99 23.75 -6.34
N PRO A 248 7.80 24.03 -5.77
CA PRO A 248 7.39 23.38 -4.54
C PRO A 248 7.37 21.87 -4.72
N LEU A 249 6.85 21.38 -5.83
CA LEU A 249 6.77 19.94 -6.09
C LEU A 249 8.17 19.33 -6.23
N VAL A 250 9.04 19.95 -7.01
CA VAL A 250 10.35 19.34 -7.14
C VAL A 250 11.13 19.46 -5.83
N VAL A 251 10.97 20.56 -5.08
CA VAL A 251 11.55 20.61 -3.74
C VAL A 251 11.09 19.42 -2.92
N GLY A 252 9.79 19.13 -2.98
CA GLY A 252 9.23 17.99 -2.23
C GLY A 252 9.77 16.66 -2.73
N LEU A 253 9.94 16.54 -4.04
CA LEU A 253 10.58 15.32 -4.55
C LEU A 253 12.03 15.19 -4.08
N GLY A 254 12.81 16.26 -4.13
CA GLY A 254 14.20 16.09 -3.68
C GLY A 254 14.26 15.78 -2.19
N ALA A 255 13.39 16.43 -1.42
CA ALA A 255 13.40 16.19 0.03
C ALA A 255 13.01 14.73 0.29
N ALA A 256 12.01 14.22 -0.44
CA ALA A 256 11.59 12.80 -0.28
C ALA A 256 12.78 11.88 -0.58
N CYS A 257 13.52 12.20 -1.61
CA CYS A 257 14.69 11.39 -2.00
C CYS A 257 15.76 11.45 -0.90
N GLU A 258 16.05 12.62 -0.38
CA GLU A 258 17.06 12.73 0.70
C GLU A 258 16.57 11.96 1.92
N VAL A 259 15.32 12.12 2.32
CA VAL A 259 14.78 11.36 3.49
C VAL A 259 14.91 9.86 3.19
N ALA A 260 14.49 9.42 2.02
CA ALA A 260 14.55 7.99 1.67
C ALA A 260 16.00 7.47 1.74
N GLN A 261 16.95 8.25 1.25
CA GLN A 261 18.38 7.87 1.31
C GLN A 261 18.76 7.59 2.78
N GLN A 262 18.37 8.46 3.68
CA GLN A 262 18.70 8.29 5.12
C GLN A 262 17.89 7.17 5.78
N GLU A 263 16.66 6.92 5.35
CA GLU A 263 15.75 5.99 6.04
C GLU A 263 15.63 4.60 5.40
N MET A 264 16.19 4.39 4.22
CA MET A 264 15.90 3.16 3.47
C MET A 264 16.23 1.92 4.30
N GLU A 265 17.39 1.91 4.94
CA GLU A 265 17.81 0.70 5.64
C GLU A 265 16.92 0.43 6.86
N TYR A 266 16.66 1.45 7.65
CA TYR A 266 15.75 1.36 8.79
C TYR A 266 14.36 0.90 8.35
N ASP A 267 13.84 1.50 7.28
CA ASP A 267 12.51 1.12 6.78
C ASP A 267 12.50 -0.32 6.30
N HIS A 268 13.55 -0.74 5.59
CA HIS A 268 13.53 -2.09 5.07
C HIS A 268 13.51 -3.11 6.20
N LYS A 269 14.29 -2.87 7.26
CA LYS A 269 14.28 -3.81 8.38
C LYS A 269 12.93 -3.88 9.05
N ARG A 270 12.31 -2.72 9.25
CA ARG A 270 11.02 -2.62 9.93
CA ARG A 270 11.05 -2.69 9.96
C ARG A 270 9.90 -3.25 9.12
N ILE A 271 9.82 -2.86 7.85
CA ILE A 271 8.82 -3.37 6.94
C ILE A 271 8.99 -4.87 6.72
N SER A 272 10.23 -5.36 6.59
CA SER A 272 10.44 -6.81 6.42
C SER A 272 9.82 -7.59 7.57
N LYS A 273 10.08 -7.15 8.79
CA LYS A 273 9.52 -7.83 9.96
C LYS A 273 7.97 -7.78 9.99
N LEU A 274 7.38 -6.62 9.73
CA LEU A 274 5.90 -6.50 9.68
C LEU A 274 5.32 -7.35 8.56
N SER A 275 6.02 -7.42 7.44
CA SER A 275 5.58 -8.22 6.29
C SER A 275 5.60 -9.70 6.61
N GLU A 276 6.71 -10.20 7.15
N GLU A 276 6.71 -10.19 7.19
CA GLU A 276 6.77 -11.57 7.60
CA GLU A 276 6.80 -11.59 7.61
C GLU A 276 5.62 -11.88 8.56
C GLU A 276 5.71 -11.93 8.63
N ARG A 277 5.42 -10.99 9.53
CA ARG A 277 4.38 -11.21 10.51
C ARG A 277 3.01 -11.31 9.85
N LEU A 278 2.70 -10.41 8.93
CA LEU A 278 1.39 -10.43 8.25
C LEU A 278 1.19 -11.72 7.47
N ILE A 279 2.18 -12.09 6.69
CA ILE A 279 2.06 -13.31 5.83
C ILE A 279 1.95 -14.57 6.70
N GLN A 280 2.84 -14.74 7.65
CA GLN A 280 2.85 -15.97 8.48
C GLN A 280 1.60 -16.07 9.36
N ASN A 281 1.14 -14.96 9.92
CA ASN A 281 -0.06 -14.99 10.77
C ASN A 281 -1.29 -15.31 9.91
N ILE A 282 -1.37 -14.85 8.69
CA ILE A 282 -2.57 -15.17 7.90
C ILE A 282 -2.52 -16.64 7.47
N MET A 283 -1.40 -17.06 6.91
CA MET A 283 -1.24 -18.43 6.36
C MET A 283 -1.32 -19.53 7.43
N LYS A 284 -0.97 -19.23 8.66
CA LYS A 284 -1.06 -20.25 9.72
C LYS A 284 -2.50 -20.33 10.25
N SER A 285 -3.35 -19.36 9.92
CA SER A 285 -4.74 -19.33 10.43
C SER A 285 -5.79 -19.63 9.35
N LEU A 286 -5.42 -19.72 8.07
CA LEU A 286 -6.40 -19.91 7.02
C LEU A 286 -5.81 -20.94 6.07
N PRO A 287 -6.57 -21.94 5.65
CA PRO A 287 -6.12 -22.81 4.56
C PRO A 287 -6.34 -22.15 3.20
N ASP A 288 -5.68 -22.69 2.20
CA ASP A 288 -5.91 -22.27 0.79
C ASP A 288 -5.63 -20.78 0.56
N VAL A 289 -4.54 -20.32 1.16
CA VAL A 289 -4.03 -18.95 0.95
C VAL A 289 -2.70 -19.08 0.20
N VAL A 290 -2.57 -18.36 -0.91
CA VAL A 290 -1.36 -18.45 -1.76
C VAL A 290 -0.76 -17.06 -1.99
N MET A 291 0.56 -16.95 -1.88
CA MET A 291 1.24 -15.67 -2.15
C MET A 291 1.52 -15.60 -3.64
N ASN A 292 1.18 -14.49 -4.26
CA ASN A 292 1.43 -14.28 -5.70
C ASN A 292 2.82 -13.65 -5.84
N GLY A 293 3.75 -14.34 -6.50
CA GLY A 293 5.09 -13.82 -6.65
C GLY A 293 6.09 -14.57 -5.76
N ASP A 294 7.32 -14.71 -6.26
CA ASP A 294 8.38 -15.45 -5.55
C ASP A 294 8.83 -14.71 -4.31
N PRO A 295 8.72 -15.26 -3.09
CA PRO A 295 9.20 -14.57 -1.92
C PRO A 295 10.72 -14.36 -1.88
N LYS A 296 11.47 -15.08 -2.70
CA LYS A 296 12.95 -14.96 -2.70
C LYS A 296 13.40 -13.70 -3.43
N HIS A 297 12.58 -13.14 -4.30
CA HIS A 297 12.91 -11.92 -5.10
C HIS A 297 11.72 -10.99 -4.96
N HIS A 298 11.59 -10.42 -3.78
CA HIS A 298 10.35 -9.70 -3.46
C HIS A 298 10.57 -8.55 -2.50
N TYR A 299 9.97 -7.41 -2.83
CA TYR A 299 9.97 -6.24 -1.91
C TYR A 299 8.90 -6.51 -0.86
N PRO A 300 9.25 -6.64 0.43
CA PRO A 300 8.31 -7.00 1.49
C PRO A 300 7.11 -6.09 1.77
N GLY A 301 7.16 -4.84 1.32
CA GLY A 301 6.08 -3.88 1.56
C GLY A 301 4.90 -4.09 0.64
N CYS A 302 5.01 -4.93 -0.37
CA CYS A 302 3.89 -5.21 -1.29
C CYS A 302 3.57 -6.69 -1.24
N ILE A 303 2.47 -7.04 -0.58
CA ILE A 303 2.10 -8.46 -0.37
C ILE A 303 0.81 -8.78 -1.12
N ASN A 304 0.86 -9.68 -2.06
CA ASN A 304 -0.34 -10.00 -2.84
C ASN A 304 -0.71 -11.45 -2.53
N LEU A 305 -1.87 -11.66 -1.89
CA LEU A 305 -2.28 -13.01 -1.50
C LEU A 305 -3.64 -13.32 -2.13
N SER A 306 -3.86 -14.59 -2.45
CA SER A 306 -5.18 -15.05 -2.95
C SER A 306 -5.87 -15.88 -1.87
N PHE A 307 -7.17 -15.65 -1.70
CA PHE A 307 -7.98 -16.35 -0.70
C PHE A 307 -8.98 -17.18 -1.48
N ALA A 308 -8.67 -18.44 -1.63
CA ALA A 308 -9.52 -19.32 -2.46
C ALA A 308 -10.95 -19.35 -1.93
N TYR A 309 -11.90 -19.44 -2.87
CA TYR A 309 -13.36 -19.59 -2.68
C TYR A 309 -14.06 -18.32 -2.18
N VAL A 310 -13.33 -17.22 -2.19
CA VAL A 310 -13.87 -15.90 -1.76
C VAL A 310 -13.52 -14.87 -2.82
N GLU A 311 -14.48 -14.06 -3.24
CA GLU A 311 -14.23 -13.01 -4.24
C GLU A 311 -13.54 -11.81 -3.57
N GLY A 312 -12.49 -11.29 -4.20
CA GLY A 312 -11.68 -10.19 -3.70
C GLY A 312 -12.46 -8.95 -3.30
N GLU A 313 -13.27 -8.39 -4.18
CA GLU A 313 -14.02 -7.17 -3.83
C GLU A 313 -14.89 -7.44 -2.60
N SER A 314 -15.48 -8.63 -2.50
CA SER A 314 -16.35 -8.86 -1.33
C SER A 314 -15.52 -8.89 -0.03
N LEU A 315 -14.28 -9.36 -0.12
CA LEU A 315 -13.39 -9.35 1.06
C LEU A 315 -13.00 -7.90 1.39
N LEU A 316 -12.75 -7.06 0.40
CA LEU A 316 -12.43 -5.64 0.64
C LEU A 316 -13.63 -4.98 1.32
N MET A 317 -14.84 -5.27 0.84
CA MET A 317 -16.07 -4.73 1.47
C MET A 317 -16.12 -5.20 2.92
N ALA A 318 -15.86 -6.48 3.14
CA ALA A 318 -15.89 -7.11 4.48
C ALA A 318 -14.87 -6.44 5.39
N LEU A 319 -13.70 -6.08 4.87
CA LEU A 319 -12.64 -5.38 5.65
C LEU A 319 -12.93 -3.87 5.56
N LYS A 320 -14.06 -3.46 6.14
CA LYS A 320 -14.63 -2.11 6.00
C LYS A 320 -13.75 -1.05 6.64
N ASP A 321 -12.93 -1.41 7.61
CA ASP A 321 -12.12 -0.36 8.26
C ASP A 321 -10.64 -0.46 7.84
N VAL A 322 -10.35 -1.09 6.70
CA VAL A 322 -8.96 -1.20 6.19
C VAL A 322 -8.95 -0.78 4.71
N ALA A 323 -8.07 0.14 4.38
CA ALA A 323 -7.92 0.61 3.00
C ALA A 323 -6.91 -0.29 2.28
N LEU A 324 -7.42 -1.09 1.36
CA LEU A 324 -6.63 -2.07 0.60
C LEU A 324 -6.96 -1.97 -0.89
N SER A 325 -6.46 -2.91 -1.68
CA SER A 325 -6.80 -2.96 -3.11
C SER A 325 -6.88 -4.41 -3.59
N SER A 326 -7.50 -4.66 -4.72
CA SER A 326 -7.63 -6.06 -5.17
C SER A 326 -7.46 -6.18 -6.67
N GLY A 327 -7.21 -7.42 -7.09
CA GLY A 327 -7.08 -7.78 -8.49
C GLY A 327 -8.39 -8.11 -9.20
N SER A 328 -9.54 -7.96 -8.57
CA SER A 328 -10.79 -8.27 -9.24
C SER A 328 -11.15 -7.14 -10.18
N ALA A 329 -11.68 -7.48 -11.37
CA ALA A 329 -11.86 -6.49 -12.45
C ALA A 329 -12.78 -5.34 -12.05
N CYS A 330 -13.77 -5.63 -11.19
CA CYS A 330 -14.71 -4.64 -10.68
C CYS A 330 -14.05 -3.49 -9.92
N THR A 331 -12.81 -3.66 -9.42
CA THR A 331 -12.21 -2.69 -8.51
C THR A 331 -11.01 -1.94 -9.07
N SER A 332 -10.41 -2.40 -10.17
CA SER A 332 -9.06 -1.96 -10.53
C SER A 332 -9.06 -0.54 -11.09
N ALA A 333 -10.16 -0.17 -11.75
CA ALA A 333 -10.47 1.19 -12.15
C ALA A 333 -11.77 1.08 -12.95
N SER A 334 -12.64 0.17 -12.51
CA SER A 334 -13.82 -0.31 -13.23
C SER A 334 -13.46 -1.04 -14.50
N LEU A 335 -12.18 -1.38 -14.67
CA LEU A 335 -11.68 -1.88 -15.95
C LEU A 335 -11.64 -3.40 -16.03
N GLU A 336 -10.44 -3.90 -16.20
CA GLU A 336 -10.13 -5.23 -16.65
C GLU A 336 -9.59 -6.07 -15.50
N PRO A 337 -9.54 -7.40 -15.63
CA PRO A 337 -9.01 -8.25 -14.58
C PRO A 337 -7.48 -8.03 -14.50
N SER A 338 -6.83 -8.71 -13.56
CA SER A 338 -5.37 -8.48 -13.41
C SER A 338 -4.60 -9.18 -14.52
N TYR A 339 -3.95 -8.43 -15.38
CA TYR A 339 -3.07 -9.00 -16.42
C TYR A 339 -1.80 -9.56 -15.77
N VAL A 340 -1.38 -8.97 -14.66
CA VAL A 340 -0.20 -9.45 -13.90
C VAL A 340 -0.47 -10.87 -13.38
N LEU A 341 -1.58 -11.08 -12.69
CA LEU A 341 -1.90 -12.44 -12.18
C LEU A 341 -2.04 -13.42 -13.34
N ARG A 342 -2.67 -12.99 -14.43
CA ARG A 342 -2.77 -13.90 -15.59
C ARG A 342 -1.37 -14.23 -16.11
N ALA A 343 -0.49 -13.24 -16.19
CA ALA A 343 0.88 -13.42 -16.69
C ALA A 343 1.67 -14.45 -15.85
N ILE A 344 1.47 -14.51 -14.56
CA ILE A 344 2.22 -15.50 -13.77
C ILE A 344 1.47 -16.82 -13.71
N GLY A 345 0.43 -16.98 -14.51
CA GLY A 345 -0.19 -18.30 -14.63
C GLY A 345 -1.22 -18.57 -13.55
N THR A 346 -1.69 -17.55 -12.84
CA THR A 346 -2.79 -17.74 -11.89
C THR A 346 -4.06 -18.19 -12.61
N ASP A 347 -4.69 -19.22 -12.09
CA ASP A 347 -6.08 -19.58 -12.49
C ASP A 347 -6.99 -18.37 -12.40
N GLU A 348 -7.90 -18.25 -13.37
CA GLU A 348 -8.78 -17.07 -13.42
C GLU A 348 -9.55 -16.90 -12.10
N ASP A 349 -10.12 -17.99 -11.57
CA ASP A 349 -10.89 -17.83 -10.32
C ASP A 349 -10.02 -17.33 -9.18
N LEU A 350 -8.81 -17.91 -9.04
CA LEU A 350 -7.98 -17.39 -7.97
C LEU A 350 -7.60 -15.95 -8.23
N ALA A 351 -7.56 -15.54 -9.49
CA ALA A 351 -7.14 -14.15 -9.70
C ALA A 351 -8.22 -13.18 -9.25
N HIS A 352 -9.49 -13.63 -9.35
CA HIS A 352 -10.57 -12.86 -8.74
C HIS A 352 -10.48 -12.83 -7.22
N SER A 353 -9.65 -13.67 -6.62
CA SER A 353 -9.60 -13.85 -5.16
C SER A 353 -8.40 -13.16 -4.51
N SER A 354 -7.68 -12.32 -5.23
CA SER A 354 -6.41 -11.77 -4.73
CA SER A 354 -6.43 -11.82 -4.64
C SER A 354 -6.61 -10.40 -4.10
N ILE A 355 -5.84 -10.12 -3.07
CA ILE A 355 -5.85 -8.85 -2.33
C ILE A 355 -4.41 -8.36 -2.21
N ARG A 356 -4.19 -7.06 -2.36
CA ARG A 356 -2.84 -6.48 -2.15
C ARG A 356 -2.81 -5.73 -0.82
N PHE A 357 -1.86 -6.08 0.03
CA PHE A 357 -1.60 -5.43 1.33
C PHE A 357 -0.31 -4.61 1.20
N GLY A 358 -0.37 -3.35 1.56
CA GLY A 358 0.80 -2.46 1.48
C GLY A 358 1.28 -2.08 2.86
N ILE A 359 2.55 -2.27 3.13
CA ILE A 359 3.15 -1.88 4.44
C ILE A 359 4.19 -0.79 4.14
N GLY A 360 4.09 0.33 4.83
CA GLY A 360 5.01 1.44 4.57
C GLY A 360 5.73 1.97 5.78
N ARG A 361 6.39 3.11 5.60
CA ARG A 361 7.20 3.77 6.63
C ARG A 361 6.42 4.05 7.91
N PHE A 362 5.14 4.38 7.83
CA PHE A 362 4.32 4.77 9.00
C PHE A 362 3.44 3.63 9.51
N THR A 363 3.47 2.46 8.89
CA THR A 363 2.59 1.35 9.33
C THR A 363 3.03 0.85 10.71
N THR A 364 2.08 0.56 11.59
CA THR A 364 2.39 0.06 12.95
C THR A 364 2.09 -1.44 13.08
N GLU A 365 2.71 -2.06 14.06
CA GLU A 365 2.48 -3.50 14.31
C GLU A 365 1.01 -3.70 14.67
N GLU A 366 0.45 -2.76 15.42
CA GLU A 366 -1.02 -2.89 15.68
CA GLU A 366 -1.01 -2.77 15.70
C GLU A 366 -2.05 -2.87 14.50
N GLU A 367 -1.66 -2.09 13.50
CA GLU A 367 -2.41 -1.98 12.24
C GLU A 367 -2.30 -3.34 11.55
N VAL A 368 -1.10 -3.87 11.49
CA VAL A 368 -0.88 -5.18 10.84
C VAL A 368 -1.69 -6.22 11.62
N ASP A 369 -1.62 -6.18 12.95
CA ASP A 369 -2.33 -7.23 13.68
C ASP A 369 -3.84 -7.09 13.52
N TYR A 370 -4.33 -5.86 13.52
CA TYR A 370 -5.76 -5.61 13.30
C TYR A 370 -6.17 -6.13 11.92
N THR A 371 -5.38 -5.81 10.91
CA THR A 371 -5.67 -6.25 9.53
C THR A 371 -5.69 -7.78 9.47
N VAL A 372 -4.72 -8.43 10.09
CA VAL A 372 -4.65 -9.91 10.07
C VAL A 372 -5.90 -10.51 10.71
N GLU A 373 -6.24 -10.03 11.90
CA GLU A 373 -7.39 -10.54 12.65
C GLU A 373 -8.66 -10.43 11.80
N LYS A 374 -8.94 -9.26 11.25
CA LYS A 374 -10.15 -9.04 10.43
C LYS A 374 -10.11 -9.91 9.17
N CYS A 375 -8.94 -10.05 8.59
CA CYS A 375 -8.80 -10.85 7.35
C CYS A 375 -9.19 -12.31 7.66
N ILE A 376 -8.70 -12.85 8.75
CA ILE A 376 -9.01 -14.25 9.15
C ILE A 376 -10.53 -14.37 9.38
N GLN A 377 -11.10 -13.49 10.18
CA GLN A 377 -12.54 -13.54 10.48
C GLN A 377 -13.39 -13.46 9.21
N HIS A 378 -13.08 -12.53 8.31
CA HIS A 378 -13.94 -12.31 7.13
C HIS A 378 -13.72 -13.36 6.06
N VAL A 379 -12.51 -13.87 5.94
CA VAL A 379 -12.35 -14.94 4.91
C VAL A 379 -13.19 -16.15 5.39
N LYS A 380 -13.16 -16.44 6.68
CA LYS A 380 -13.94 -17.57 7.21
C LYS A 380 -15.43 -17.32 6.94
N ARG A 381 -15.91 -16.13 7.28
CA ARG A 381 -17.33 -15.71 6.97
CA ARG A 381 -17.34 -15.76 6.98
C ARG A 381 -17.96 -15.70 5.47
N LEU A 382 -17.06 -15.24 4.60
CA LEU A 382 -17.29 -15.29 3.15
C LEU A 382 -17.24 -16.73 2.65
N ARG A 383 -16.36 -17.56 3.19
CA ARG A 383 -16.28 -18.99 2.81
C ARG A 383 -17.57 -19.68 3.23
N GLU A 384 -18.09 -19.32 4.39
CA GLU A 384 -19.37 -19.86 4.92
C GLU A 384 -20.53 -19.45 4.01
N MET A 385 -20.43 -18.32 3.33
CA MET A 385 -21.41 -17.85 2.34
C MET A 385 -21.04 -18.35 0.93
N SER A 386 -19.96 -19.10 0.73
CA SER A 386 -19.52 -19.37 -0.66
C SER A 386 -20.02 -20.71 -1.16
N PRO A 387 -20.70 -20.76 -2.32
CA PRO A 387 -21.09 -22.09 -2.84
C PRO A 387 -19.88 -22.96 -3.27
N LEU A 388 -18.78 -22.30 -3.63
CA LEU A 388 -17.57 -23.03 -4.03
C LEU A 388 -16.95 -23.70 -2.83
N TRP A 389 -16.85 -22.98 -1.70
CA TRP A 389 -16.39 -23.62 -0.46
C TRP A 389 -17.31 -24.74 -0.03
N GLU A 390 -18.62 -24.52 -0.10
CA GLU A 390 -19.54 -25.60 0.25
C GLU A 390 -19.31 -26.83 -0.62
N MET A 391 -19.06 -26.63 -1.92
CA MET A 391 -18.89 -27.80 -2.79
C MET A 391 -17.59 -28.53 -2.49
N VAL A 392 -16.50 -27.78 -2.30
CA VAL A 392 -15.21 -28.40 -1.94
C VAL A 392 -15.30 -29.15 -0.61
N GLN A 393 -16.00 -28.60 0.39
CA GLN A 393 -16.19 -29.26 1.70
C GLN A 393 -16.95 -30.57 1.58
N ASP A 394 -17.79 -30.69 0.56
CA ASP A 394 -18.49 -31.93 0.32
C ASP A 394 -17.73 -32.82 -0.66
N GLY A 395 -16.45 -32.53 -0.89
CA GLY A 395 -15.63 -33.42 -1.69
C GLY A 395 -15.77 -33.29 -3.19
N ILE A 396 -16.37 -32.19 -3.70
CA ILE A 396 -16.56 -32.01 -5.13
C ILE A 396 -15.31 -31.38 -5.73
N ASP A 397 -14.95 -31.85 -6.93
CA ASP A 397 -13.84 -31.27 -7.70
C ASP A 397 -14.41 -30.13 -8.54
N LEU A 398 -14.05 -28.88 -8.20
CA LEU A 398 -14.54 -27.75 -8.99
C LEU A 398 -14.10 -27.84 -10.45
N LYS A 399 -12.89 -28.34 -10.70
CA LYS A 399 -12.37 -28.48 -12.06
C LYS A 399 -13.12 -29.54 -12.86
N SER A 400 -14.33 -29.91 -12.44
CA SER A 400 -15.10 -30.91 -13.15
C SER A 400 -16.56 -30.51 -13.35
N ILE A 401 -16.92 -29.27 -13.05
CA ILE A 401 -18.30 -28.81 -13.20
C ILE A 401 -18.43 -28.18 -14.59
N LYS A 402 -19.66 -28.20 -15.12
CA LYS A 402 -19.98 -27.59 -16.41
C LYS A 402 -20.70 -26.26 -16.10
N TRP A 403 -19.92 -25.20 -16.00
CA TRP A 403 -20.46 -23.92 -15.59
C TRP A 403 -21.26 -23.26 -16.70
N THR A 404 -22.21 -22.42 -16.30
CA THR A 404 -23.03 -21.61 -17.19
C THR A 404 -22.41 -20.22 -17.45
N ALA B 3 29.25 24.37 26.54
CA ALA B 3 27.97 23.71 26.23
C ALA B 3 28.13 22.18 26.06
N SER B 4 27.36 21.42 26.84
CA SER B 4 27.58 19.98 27.05
C SER B 4 26.81 19.16 26.02
N SER B 5 27.50 18.30 25.28
CA SER B 5 26.79 17.46 24.34
C SER B 5 25.76 16.59 25.07
N ARG B 6 26.11 16.06 26.27
CA ARG B 6 25.21 15.11 26.96
C ARG B 6 23.93 15.79 27.43
N ALA B 7 24.06 17.03 27.88
CA ALA B 7 22.94 17.84 28.34
C ALA B 7 22.11 18.30 27.18
N GLN B 8 22.77 18.80 26.13
CA GLN B 8 22.04 19.02 24.89
C GLN B 8 21.29 17.77 24.49
N VAL B 9 21.96 16.61 24.50
CA VAL B 9 21.32 15.42 23.92
C VAL B 9 20.10 15.01 24.75
N LEU B 10 20.24 14.89 26.05
CA LEU B 10 19.09 14.40 26.85
C LEU B 10 17.94 15.40 26.84
N ALA B 11 18.25 16.69 26.74
CA ALA B 11 17.19 17.71 26.68
C ALA B 11 16.45 17.60 25.34
N LEU B 12 17.19 17.42 24.25
CA LEU B 12 16.59 17.28 22.91
C LEU B 12 15.71 16.03 22.90
N TYR B 13 16.23 14.94 23.44
CA TYR B 13 15.49 13.65 23.50
C TYR B 13 14.14 13.89 24.16
N ARG B 14 14.14 14.48 25.35
CA ARG B 14 12.86 14.73 26.02
C ARG B 14 12.01 15.68 25.19
N ALA B 15 12.59 16.75 24.67
CA ALA B 15 11.78 17.73 23.92
C ALA B 15 11.16 17.08 22.68
N MET B 16 11.94 16.29 21.98
CA MET B 16 11.49 15.65 20.74
C MET B 16 10.38 14.65 21.00
N LEU B 17 10.51 13.86 22.05
CA LEU B 17 9.48 12.87 22.41
C LEU B 17 8.20 13.61 22.81
N ARG B 18 8.32 14.61 23.67
CA ARG B 18 7.13 15.37 24.15
C ARG B 18 6.41 16.01 22.96
N GLU B 19 7.14 16.63 22.06
CA GLU B 19 6.48 17.31 20.94
C GLU B 19 5.86 16.30 19.99
N SER B 20 6.56 15.22 19.71
CA SER B 20 6.05 14.23 18.77
C SER B 20 4.75 13.61 19.28
N LYS B 21 4.62 13.46 20.59
CA LYS B 21 3.38 12.92 21.16
C LYS B 21 2.18 13.82 20.90
N ARG B 22 2.43 15.05 20.47
CA ARG B 22 1.33 16.02 20.19
C ARG B 22 0.82 15.90 18.75
N PHE B 23 1.47 15.11 17.91
CA PHE B 23 0.96 14.90 16.54
C PHE B 23 -0.49 14.43 16.69
N SER B 24 -1.43 15.17 16.10
CA SER B 24 -2.81 14.69 15.89
CA SER B 24 -2.80 14.64 15.95
C SER B 24 -3.15 13.32 14.99
N ALA B 25 -2.30 13.14 13.98
CA ALA B 25 -2.36 11.97 13.09
C ALA B 25 -1.60 10.80 13.72
N TYR B 26 -2.31 9.70 13.90
CA TYR B 26 -1.77 8.44 14.46
C TYR B 26 -0.47 8.04 13.76
N ASN B 27 -0.47 8.03 12.43
CA ASN B 27 0.67 7.59 11.68
CA ASN B 27 0.62 7.69 11.57
C ASN B 27 2.16 8.34 11.71
N TYR B 28 1.94 9.63 11.86
CA TYR B 28 3.02 10.59 12.14
C TYR B 28 3.39 10.48 13.62
N ARG B 29 2.40 10.45 14.49
CA ARG B 29 2.72 10.40 15.93
C ARG B 29 3.47 9.13 16.27
N THR B 30 2.95 7.99 15.85
CA THR B 30 3.55 6.72 16.30
C THR B 30 4.89 6.55 15.62
N TYR B 31 5.01 7.01 14.38
CA TYR B 31 6.30 6.94 13.66
C TYR B 31 7.35 7.83 14.33
N ALA B 32 6.99 9.07 14.65
CA ALA B 32 7.99 9.99 15.19
C ALA B 32 8.52 9.52 16.54
N VAL B 33 7.61 9.12 17.45
CA VAL B 33 8.06 8.64 18.77
C VAL B 33 8.96 7.42 18.61
N ARG B 34 8.46 6.44 17.87
CA ARG B 34 9.38 5.28 17.60
CA ARG B 34 9.37 5.27 17.56
C ARG B 34 10.85 5.58 16.94
N ARG B 35 10.83 6.42 15.91
CA ARG B 35 12.05 6.77 15.16
C ARG B 35 13.02 7.50 16.10
N ILE B 36 12.50 8.42 16.89
CA ILE B 36 13.32 9.18 17.86
C ILE B 36 13.96 8.22 18.84
N ARG B 37 13.20 7.31 19.44
CA ARG B 37 13.68 6.29 20.29
CA ARG B 37 13.69 6.27 20.30
C ARG B 37 14.82 5.13 19.82
N ASP B 38 14.60 4.92 18.53
CA ASP B 38 15.49 4.05 17.75
C ASP B 38 16.74 4.82 17.36
N ALA B 39 16.61 6.06 16.91
CA ALA B 39 17.79 6.76 16.43
C ALA B 39 18.73 7.15 17.58
N PHE B 40 18.19 7.67 18.67
CA PHE B 40 19.06 8.04 19.80
C PHE B 40 19.73 6.78 20.32
N ARG B 41 19.00 5.67 20.38
CA ARG B 41 19.61 4.42 20.84
CA ARG B 41 19.60 4.41 20.83
C ARG B 41 20.68 3.94 19.88
N GLU B 42 20.37 3.96 18.57
CA GLU B 42 21.36 3.55 17.57
C GLU B 42 22.67 4.34 17.69
N ASN B 43 22.58 5.62 18.00
CA ASN B 43 23.77 6.49 17.99
C ASN B 43 24.37 6.65 19.39
N LYS B 44 23.95 5.85 20.34
CA LYS B 44 24.37 5.99 21.74
C LYS B 44 25.89 5.88 21.94
N ASN B 45 26.55 5.07 21.13
CA ASN B 45 27.94 4.78 21.34
C ASN B 45 28.89 5.54 20.40
N VAL B 46 28.39 6.54 19.65
CA VAL B 46 29.27 7.42 18.87
C VAL B 46 30.21 8.15 19.81
N LYS B 47 31.51 8.19 19.47
CA LYS B 47 32.52 8.79 20.33
C LYS B 47 33.13 10.08 19.78
N ASP B 48 33.08 10.29 18.47
CA ASP B 48 33.76 11.46 17.86
C ASP B 48 33.01 12.77 18.15
N PRO B 49 33.61 13.74 18.86
CA PRO B 49 32.85 14.95 19.24
C PRO B 49 32.21 15.67 18.07
N VAL B 50 32.88 15.66 16.91
CA VAL B 50 32.37 16.33 15.72
C VAL B 50 31.18 15.58 15.13
N GLU B 51 31.24 14.25 15.11
CA GLU B 51 30.08 13.52 14.62
C GLU B 51 28.89 13.67 15.58
N ILE B 52 29.16 13.67 16.88
CA ILE B 52 28.05 13.90 17.82
C ILE B 52 27.37 15.23 17.54
N GLN B 53 28.19 16.30 17.34
CA GLN B 53 27.66 17.64 17.11
C GLN B 53 26.81 17.68 15.85
N THR B 54 27.26 16.96 14.81
CA THR B 54 26.46 16.84 13.58
C THR B 54 25.10 16.21 13.84
N LEU B 55 25.06 15.15 14.67
CA LEU B 55 23.82 14.48 15.01
C LEU B 55 22.95 15.37 15.86
N VAL B 56 23.57 16.12 16.76
CA VAL B 56 22.83 17.08 17.58
C VAL B 56 22.21 18.16 16.70
N ASN B 57 22.97 18.71 15.74
CA ASN B 57 22.41 19.76 14.87
C ASN B 57 21.30 19.22 14.00
N LYS B 58 21.41 17.99 13.53
CA LYS B 58 20.28 17.41 12.80
C LYS B 58 19.06 17.22 13.70
N ALA B 59 19.27 16.78 14.93
CA ALA B 59 18.12 16.62 15.82
C ALA B 59 17.45 17.97 16.07
N LYS B 60 18.23 19.05 16.25
CA LYS B 60 17.59 20.33 16.46
C LYS B 60 16.80 20.75 15.23
N ARG B 61 17.35 20.51 14.04
CA ARG B 61 16.58 20.83 12.83
CA ARG B 61 16.61 20.80 12.81
C ARG B 61 15.29 20.04 12.79
N ASP B 62 15.35 18.75 13.12
CA ASP B 62 14.14 17.89 13.11
C ASP B 62 13.14 18.31 14.20
N LEU B 63 13.62 18.87 15.29
CA LEU B 63 12.70 19.35 16.34
C LEU B 63 11.88 20.50 15.77
N GLY B 64 12.51 21.38 14.99
CA GLY B 64 11.79 22.48 14.32
C GLY B 64 10.76 21.90 13.39
N VAL B 65 11.12 20.88 12.63
CA VAL B 65 10.15 20.22 11.70
C VAL B 65 8.96 19.71 12.50
N ILE B 66 9.22 18.96 13.56
CA ILE B 66 8.16 18.38 14.40
C ILE B 66 7.24 19.49 14.94
N ARG B 67 7.81 20.52 15.54
CA ARG B 67 7.00 21.64 16.07
C ARG B 67 6.06 22.21 15.00
N ARG B 68 6.58 22.55 13.83
CA ARG B 68 5.77 23.11 12.74
C ARG B 68 4.73 22.10 12.23
N GLN B 69 5.13 20.87 11.97
CA GLN B 69 4.20 19.86 11.43
C GLN B 69 3.12 19.51 12.45
N VAL B 70 3.46 19.41 13.72
CA VAL B 70 2.42 19.22 14.75
C VAL B 70 1.40 20.34 14.67
N HIS B 71 1.87 21.60 14.60
CA HIS B 71 0.90 22.66 14.62
CA HIS B 71 0.98 22.74 14.56
C HIS B 71 0.03 22.62 13.37
N ILE B 72 0.63 22.46 12.20
CA ILE B 72 -0.12 22.37 10.92
C ILE B 72 -1.12 21.21 10.99
N GLY B 73 -0.70 20.09 11.56
CA GLY B 73 -1.59 18.93 11.67
C GLY B 73 -2.75 19.18 12.61
N GLN B 74 -2.58 20.11 13.55
CA GLN B 74 -3.66 20.49 14.50
C GLN B 74 -4.64 21.45 13.80
N LEU B 75 -4.13 22.34 12.97
CA LEU B 75 -4.98 23.28 12.21
C LEU B 75 -5.87 22.51 11.22
N TYR B 76 -5.36 21.43 10.64
CA TYR B 76 -6.10 20.62 9.65
C TYR B 76 -6.18 19.20 10.18
N SER B 77 -6.87 19.01 11.26
CA SER B 77 -6.96 17.68 11.87
C SER B 77 -8.13 16.90 11.27
N THR B 78 -8.18 15.61 11.49
CA THR B 78 -9.40 14.88 11.02
C THR B 78 -9.79 13.84 12.07
N ASP B 79 -10.79 13.01 11.75
CA ASP B 79 -11.21 12.01 12.75
C ASP B 79 -10.07 11.04 13.09
N LYS B 80 -10.24 10.34 14.19
CA LYS B 80 -9.26 9.32 14.60
C LYS B 80 -9.44 8.06 13.77
N LEU B 81 -8.46 7.17 13.80
CA LEU B 81 -8.56 5.89 13.08
C LEU B 81 -9.42 4.94 13.91
N ILE B 82 -9.87 3.87 13.27
CA ILE B 82 -10.67 2.81 13.89
C ILE B 82 -9.93 2.19 15.09
N ILE B 83 -8.62 2.04 15.05
CA ILE B 83 -7.88 1.37 16.15
C ILE B 83 -7.62 2.30 17.33
N GLU B 84 -7.80 3.61 17.20
CA GLU B 84 -7.63 4.47 18.38
C GLU B 84 -8.84 4.37 19.33
N ASN B 85 -9.89 3.67 18.93
CA ASN B 85 -11.09 3.37 19.76
C ASN B 85 -10.91 2.14 20.67
N THR C 2 -3.94 -1.95 41.85
CA THR C 2 -3.89 -0.62 41.26
C THR C 2 -3.83 0.45 42.34
N ILE C 3 -2.92 0.26 43.31
CA ILE C 3 -2.57 1.30 44.29
C ILE C 3 -1.73 2.33 43.57
N GLU C 4 -1.35 3.42 44.25
CA GLU C 4 -0.44 4.35 43.59
C GLU C 4 0.89 3.69 43.24
N GLU C 5 1.12 2.51 43.79
CA GLU C 5 2.28 1.67 43.39
C GLU C 5 1.93 1.15 42.00
N ARG C 6 1.11 1.89 41.25
CA ARG C 6 0.93 1.57 39.81
C ARG C 6 2.29 1.98 39.26
N VAL C 7 2.93 2.81 40.08
CA VAL C 7 4.31 3.24 39.83
C VAL C 7 5.20 2.03 39.56
N LYS C 8 5.05 0.98 40.39
CA LYS C 8 5.86 -0.22 40.22
C LYS C 8 5.64 -0.86 38.85
N LYS C 9 4.37 -0.96 38.41
CA LYS C 9 4.07 -1.56 37.12
C LYS C 9 4.69 -0.75 35.97
N ILE C 10 4.63 0.58 36.06
CA ILE C 10 5.27 1.40 35.03
C ILE C 10 6.78 1.12 34.96
N ILE C 11 7.47 1.16 36.11
CA ILE C 11 8.92 0.97 36.10
C ILE C 11 9.28 -0.39 35.50
N GLY C 12 8.55 -1.44 35.90
CA GLY C 12 8.82 -2.78 35.37
C GLY C 12 8.58 -2.86 33.87
N GLU C 13 7.42 -2.38 33.41
CA GLU C 13 7.17 -2.35 31.97
C GLU C 13 8.26 -1.57 31.24
N GLN C 14 8.61 -0.38 31.74
CA GLN C 14 9.54 0.45 31.01
C GLN C 14 10.94 -0.15 30.97
N LEU C 15 11.36 -0.82 32.03
CA LEU C 15 12.73 -1.33 32.10
C LEU C 15 12.81 -2.82 31.79
N GLY C 16 11.69 -3.47 31.47
CA GLY C 16 11.67 -4.90 31.22
C GLY C 16 12.18 -5.69 32.41
N VAL C 17 11.47 -5.62 33.53
CA VAL C 17 11.92 -6.21 34.79
C VAL C 17 10.70 -6.79 35.51
N LYS C 18 10.82 -8.03 36.00
CA LYS C 18 9.69 -8.64 36.68
C LYS C 18 9.27 -7.75 37.84
N GLN C 19 7.95 -7.68 38.09
CA GLN C 19 7.44 -6.85 39.18
C GLN C 19 8.09 -7.22 40.50
N GLU C 20 8.76 -8.37 40.56
CA GLU C 20 9.40 -8.86 41.77
C GLU C 20 10.71 -8.12 42.06
N GLU C 21 11.49 -7.79 41.03
CA GLU C 21 12.73 -7.06 41.29
C GLU C 21 12.48 -5.57 41.50
N VAL C 22 11.29 -5.06 41.23
CA VAL C 22 11.03 -3.64 41.41
C VAL C 22 10.77 -3.35 42.89
N THR C 23 11.83 -3.28 43.68
CA THR C 23 11.70 -3.02 45.10
C THR C 23 11.78 -1.53 45.36
N ASN C 24 11.29 -1.13 46.55
CA ASN C 24 11.22 0.28 46.85
C ASN C 24 12.60 0.93 46.89
N ASN C 25 13.64 0.15 47.20
CA ASN C 25 14.98 0.69 47.39
C ASN C 25 15.79 0.79 46.09
N ALA C 26 15.30 0.24 44.98
CA ALA C 26 16.12 0.00 43.80
C ALA C 26 16.28 1.26 42.96
N SER C 27 17.51 1.55 42.53
CA SER C 27 17.70 2.65 41.60
C SER C 27 17.60 2.12 40.17
N PHE C 28 17.11 2.99 39.28
CA PHE C 28 16.92 2.56 37.90
C PHE C 28 18.24 2.16 37.27
N VAL C 29 19.29 2.95 37.50
CA VAL C 29 20.55 2.73 36.81
C VAL C 29 21.37 1.68 37.53
N GLU C 30 21.59 1.85 38.83
CA GLU C 30 22.49 0.98 39.57
C GLU C 30 21.90 -0.41 39.76
N ASP C 31 20.58 -0.52 39.92
CA ASP C 31 19.94 -1.79 40.22
C ASP C 31 19.09 -2.37 39.09
N LEU C 32 18.45 -1.54 38.25
CA LEU C 32 17.51 -2.07 37.26
C LEU C 32 18.02 -1.96 35.81
N GLY C 33 19.30 -1.65 35.62
CA GLY C 33 19.92 -1.71 34.32
C GLY C 33 19.56 -0.59 33.37
N ALA C 34 19.01 0.52 33.86
CA ALA C 34 18.57 1.57 32.95
C ALA C 34 19.72 2.48 32.55
N ASP C 35 19.64 3.01 31.35
CA ASP C 35 20.54 4.10 31.00
C ASP C 35 19.76 5.40 31.00
N SER C 36 20.40 6.50 30.57
CA SER C 36 19.75 7.81 30.69
C SER C 36 18.68 8.03 29.62
N LEU C 37 18.72 7.28 28.51
CA LEU C 37 17.60 7.36 27.57
C LEU C 37 16.39 6.64 28.17
N ASP C 38 16.61 5.48 28.79
CA ASP C 38 15.50 4.82 29.47
C ASP C 38 14.88 5.73 30.52
N THR C 39 15.71 6.46 31.31
CA THR C 39 15.15 7.23 32.42
CA THR C 39 15.17 7.25 32.41
C THR C 39 14.38 8.46 31.92
N VAL C 40 14.80 9.09 30.80
CA VAL C 40 13.93 10.09 30.18
C VAL C 40 12.56 9.47 29.87
N GLU C 41 12.56 8.31 29.20
CA GLU C 41 11.27 7.71 28.82
C GLU C 41 10.47 7.32 30.03
N LEU C 42 11.14 6.85 31.08
CA LEU C 42 10.43 6.38 32.26
C LEU C 42 9.71 7.55 32.93
N VAL C 43 10.40 8.70 33.09
CA VAL C 43 9.79 9.89 33.67
C VAL C 43 8.58 10.31 32.84
N MET C 44 8.71 10.34 31.51
CA MET C 44 7.56 10.63 30.66
C MET C 44 6.44 9.62 30.85
N ALA C 45 6.79 8.34 31.04
CA ALA C 45 5.74 7.34 31.24
C ALA C 45 4.96 7.61 32.51
N LEU C 46 5.65 8.01 33.58
CA LEU C 46 4.99 8.43 34.80
C LEU C 46 4.14 9.67 34.58
N GLU C 47 4.64 10.64 33.81
CA GLU C 47 3.84 11.82 33.53
C GLU C 47 2.53 11.44 32.88
N GLU C 48 2.60 10.56 31.89
CA GLU C 48 1.39 10.18 31.15
C GLU C 48 0.49 9.28 31.99
N GLU C 49 1.05 8.40 32.82
CA GLU C 49 0.17 7.50 33.56
C GLU C 49 -0.61 8.24 34.64
N PHE C 50 -0.02 9.28 35.23
CA PHE C 50 -0.60 9.97 36.37
C PHE C 50 -1.10 11.38 36.05
N ASP C 51 -1.10 11.76 34.78
CA ASP C 51 -1.62 13.06 34.32
C ASP C 51 -0.96 14.23 35.04
N THR C 52 0.37 14.18 35.19
CA THR C 52 1.11 15.19 35.92
C THR C 52 2.32 15.64 35.12
N GLU C 53 2.75 16.87 35.34
CA GLU C 53 3.90 17.43 34.64
C GLU C 53 5.08 17.47 35.61
N ILE C 54 6.15 16.75 35.27
CA ILE C 54 7.33 16.59 36.14
C ILE C 54 8.48 17.42 35.57
N PRO C 55 8.77 18.61 36.11
CA PRO C 55 9.80 19.45 35.50
C PRO C 55 11.21 18.94 35.80
N ASP C 56 12.19 19.56 35.11
CA ASP C 56 13.54 19.00 35.08
C ASP C 56 14.14 18.88 36.48
N GLU C 57 13.97 19.90 37.32
CA GLU C 57 14.64 19.85 38.63
C GLU C 57 14.02 18.76 39.51
N GLU C 58 12.77 18.38 39.24
CA GLU C 58 12.15 17.24 39.94
C GLU C 58 12.55 15.92 39.29
N ALA C 59 12.55 15.86 37.95
CA ALA C 59 12.92 14.63 37.27
C ALA C 59 14.29 14.15 37.71
N GLU C 60 15.25 15.06 37.86
CA GLU C 60 16.61 14.67 38.17
C GLU C 60 16.73 14.08 39.59
N LYS C 61 15.76 14.34 40.47
CA LYS C 61 15.73 13.69 41.78
C LYS C 61 15.08 12.29 41.75
N ILE C 62 14.38 11.92 40.68
CA ILE C 62 13.61 10.68 40.68
C ILE C 62 14.53 9.61 40.10
N THR C 63 15.31 8.96 40.99
CA THR C 63 16.31 8.00 40.57
C THR C 63 16.08 6.61 41.12
N THR C 64 15.10 6.43 42.00
CA THR C 64 14.82 5.15 42.61
C THR C 64 13.32 4.92 42.56
N VAL C 65 12.93 3.68 42.85
CA VAL C 65 11.53 3.29 42.78
C VAL C 65 10.71 4.09 43.78
N GLN C 66 11.23 4.18 44.99
CA GLN C 66 10.58 4.91 46.10
C GLN C 66 10.45 6.39 45.74
N ALA C 67 11.49 6.96 45.17
CA ALA C 67 11.42 8.37 44.78
C ALA C 67 10.25 8.61 43.83
N ALA C 68 10.03 7.70 42.89
CA ALA C 68 8.88 7.85 41.99
C ALA C 68 7.56 7.74 42.75
N ILE C 69 7.44 6.72 43.64
CA ILE C 69 6.29 6.61 44.54
C ILE C 69 6.04 7.93 45.27
N ASP C 70 7.06 8.39 46.01
CA ASP C 70 7.05 9.67 46.70
C ASP C 70 6.41 10.78 45.88
N TYR C 71 6.97 11.01 44.69
CA TYR C 71 6.59 12.19 43.92
C TYR C 71 5.12 12.12 43.51
N ILE C 72 4.66 10.95 43.08
CA ILE C 72 3.29 10.82 42.61
C ILE C 72 2.30 10.98 43.75
N ASN C 73 2.58 10.40 44.93
CA ASN C 73 1.67 10.58 46.07
C ASN C 73 1.59 12.03 46.50
N GLY C 74 2.70 12.77 46.39
CA GLY C 74 2.76 14.17 46.76
C GLY C 74 2.29 15.14 45.71
N HIS C 75 1.75 14.65 44.59
CA HIS C 75 1.24 15.52 43.54
C HIS C 75 -0.08 15.00 43.01
N GLN C 76 -0.90 14.44 43.91
CA GLN C 76 -2.22 13.90 43.60
C GLN C 76 -2.17 12.79 42.55
N ALA D 2 -17.85 4.82 -4.16
CA ALA D 2 -18.20 5.18 -2.77
C ALA D 2 -18.93 4.01 -2.10
N LEU D 3 -19.20 4.17 -0.81
CA LEU D 3 -19.90 3.13 -0.04
C LEU D 3 -21.38 3.03 -0.46
N SER D 4 -21.88 1.81 -0.64
CA SER D 4 -23.31 1.57 -0.95
C SER D 4 -23.96 0.92 0.28
N THR D 5 -24.71 1.68 1.06
CA THR D 5 -25.32 1.15 2.31
C THR D 5 -26.30 0.02 2.00
N GLN D 6 -27.05 0.11 0.92
CA GLN D 6 -28.01 -0.95 0.59
CA GLN D 6 -28.01 -0.95 0.62
C GLN D 6 -27.32 -2.28 0.32
N VAL D 7 -26.18 -2.24 -0.36
CA VAL D 7 -25.49 -3.47 -0.73
C VAL D 7 -24.77 -4.04 0.46
N VAL D 8 -24.06 -3.20 1.19
CA VAL D 8 -23.25 -3.69 2.34
C VAL D 8 -24.13 -4.36 3.39
N ASP D 9 -25.39 -3.93 3.50
CA ASP D 9 -26.33 -4.49 4.50
C ASP D 9 -26.51 -6.00 4.33
N HIS D 10 -26.53 -6.49 3.10
CA HIS D 10 -26.69 -7.95 2.83
C HIS D 10 -25.51 -8.75 3.36
N TYR D 11 -24.35 -8.12 3.55
CA TYR D 11 -23.22 -8.86 4.11
C TYR D 11 -23.13 -8.64 5.63
N GLU D 12 -23.27 -7.41 6.06
CA GLU D 12 -23.11 -7.08 7.49
C GLU D 12 -24.24 -7.68 8.32
N ASN D 13 -25.44 -7.74 7.73
CA ASN D 13 -26.66 -8.32 8.37
C ASN D 13 -27.16 -9.41 7.44
N PRO D 14 -26.48 -10.57 7.41
CA PRO D 14 -26.78 -11.60 6.46
C PRO D 14 -28.12 -12.24 6.77
N ARG D 15 -28.86 -12.65 5.76
CA ARG D 15 -30.16 -13.34 6.02
C ARG D 15 -30.40 -14.40 4.94
N ASN D 16 -30.90 -15.57 5.31
CA ASN D 16 -31.21 -16.71 4.41
C ASN D 16 -29.95 -17.34 3.83
N VAL D 17 -28.82 -17.18 4.50
CA VAL D 17 -27.59 -17.82 3.98
C VAL D 17 -27.65 -19.29 4.39
N GLY D 18 -27.43 -20.21 3.45
CA GLY D 18 -27.44 -21.62 3.85
C GLY D 18 -27.81 -22.56 2.74
N SER D 19 -28.40 -23.70 3.10
CA SER D 19 -28.75 -24.73 2.10
C SER D 19 -30.06 -25.45 2.43
N LEU D 20 -30.74 -25.85 1.38
CA LEU D 20 -31.92 -26.73 1.45
C LEU D 20 -31.54 -28.10 0.90
N ASP D 21 -32.42 -29.06 1.08
CA ASP D 21 -32.15 -30.46 0.71
C ASP D 21 -32.46 -30.67 -0.78
N LYS D 22 -31.41 -30.65 -1.61
CA LYS D 22 -31.49 -30.88 -3.06
C LYS D 22 -32.29 -32.13 -3.45
N THR D 23 -32.44 -33.12 -2.57
CA THR D 23 -33.18 -34.32 -2.96
C THR D 23 -34.69 -34.16 -2.83
N SER D 24 -35.16 -33.12 -2.13
CA SER D 24 -36.59 -32.92 -1.94
C SER D 24 -37.27 -32.60 -3.26
N LYS D 25 -38.42 -33.22 -3.47
CA LYS D 25 -39.26 -32.86 -4.62
C LYS D 25 -39.83 -31.45 -4.50
N ASN D 26 -39.76 -30.82 -3.33
CA ASN D 26 -40.32 -29.48 -3.15
C ASN D 26 -39.24 -28.40 -3.08
N VAL D 27 -38.00 -28.77 -3.34
CA VAL D 27 -36.88 -27.83 -3.36
C VAL D 27 -36.40 -27.70 -4.81
N GLY D 28 -36.23 -26.47 -5.28
CA GLY D 28 -35.54 -26.19 -6.54
C GLY D 28 -34.22 -25.49 -6.27
N THR D 29 -33.18 -25.89 -7.02
CA THR D 29 -31.82 -25.38 -6.86
C THR D 29 -31.41 -24.72 -8.16
N GLY D 30 -31.03 -23.45 -8.09
CA GLY D 30 -30.43 -22.75 -9.21
C GLY D 30 -28.97 -22.49 -8.89
N LEU D 31 -28.07 -22.94 -9.78
CA LEU D 31 -26.64 -22.67 -9.66
C LEU D 31 -26.18 -22.05 -10.98
N VAL D 32 -25.82 -20.75 -10.96
CA VAL D 32 -25.53 -19.99 -12.18
C VAL D 32 -24.22 -19.22 -12.00
N GLY D 33 -23.63 -18.81 -13.14
CA GLY D 33 -22.33 -18.14 -13.14
C GLY D 33 -21.15 -19.09 -13.29
N ALA D 34 -19.94 -18.57 -13.04
CA ALA D 34 -18.76 -19.40 -13.27
C ALA D 34 -17.67 -18.82 -12.38
N PRO D 35 -16.88 -19.66 -11.70
CA PRO D 35 -15.76 -19.12 -10.89
C PRO D 35 -14.86 -18.21 -11.71
N ALA D 36 -14.59 -18.57 -12.97
CA ALA D 36 -13.65 -17.79 -13.77
C ALA D 36 -14.19 -16.37 -14.07
N CYS D 37 -15.50 -16.27 -14.17
CA CYS D 37 -16.11 -14.86 -14.18
CA CYS D 37 -16.16 -14.88 -14.18
C CYS D 37 -16.31 -14.10 -12.74
N GLY D 38 -15.90 -14.65 -11.60
CA GLY D 38 -15.92 -13.95 -10.32
C GLY D 38 -17.32 -13.84 -9.76
N ASP D 39 -18.23 -14.70 -10.20
CA ASP D 39 -19.61 -14.62 -9.70
C ASP D 39 -20.33 -15.94 -9.91
N VAL D 40 -20.61 -16.63 -8.81
CA VAL D 40 -21.38 -17.91 -8.78
C VAL D 40 -22.47 -17.76 -7.71
N MET D 41 -23.72 -17.96 -8.09
CA MET D 41 -24.87 -17.82 -7.18
C MET D 41 -25.61 -19.15 -7.06
N LYS D 42 -25.81 -19.63 -5.84
CA LYS D 42 -26.62 -20.83 -5.59
C LYS D 42 -27.87 -20.33 -4.86
N LEU D 43 -29.04 -20.58 -5.42
CA LEU D 43 -30.27 -20.13 -4.81
C LEU D 43 -31.21 -21.32 -4.73
N GLN D 44 -31.72 -21.63 -3.54
CA GLN D 44 -32.64 -22.75 -3.35
C GLN D 44 -33.96 -22.23 -2.78
N ILE D 45 -35.08 -22.77 -3.28
CA ILE D 45 -36.41 -22.39 -2.87
C ILE D 45 -37.10 -23.64 -2.36
N GLN D 46 -37.95 -23.45 -1.35
CA GLN D 46 -38.81 -24.51 -0.82
C GLN D 46 -40.27 -24.14 -1.03
N VAL D 47 -41.01 -25.01 -1.71
CA VAL D 47 -42.38 -24.76 -2.11
C VAL D 47 -43.31 -25.69 -1.32
N ASP D 48 -44.45 -25.16 -0.84
CA ASP D 48 -45.34 -26.04 -0.10
C ASP D 48 -46.27 -26.76 -1.07
N GLU D 49 -47.15 -27.61 -0.53
CA GLU D 49 -47.95 -28.47 -1.40
C GLU D 49 -48.99 -27.70 -2.18
N LYS D 50 -49.13 -26.39 -2.00
CA LYS D 50 -50.06 -25.59 -2.79
C LYS D 50 -49.35 -24.59 -3.71
N GLY D 51 -48.03 -24.68 -3.84
CA GLY D 51 -47.31 -23.85 -4.78
C GLY D 51 -46.79 -22.53 -4.24
N LYS D 52 -46.92 -22.28 -2.95
CA LYS D 52 -46.31 -21.11 -2.32
C LYS D 52 -44.86 -21.43 -1.92
N ILE D 53 -43.93 -20.54 -2.29
CA ILE D 53 -42.56 -20.64 -1.78
C ILE D 53 -42.57 -20.23 -0.32
N VAL D 54 -42.20 -21.15 0.57
CA VAL D 54 -42.23 -20.89 2.01
C VAL D 54 -40.84 -20.68 2.59
N ASP D 55 -39.78 -20.94 1.84
CA ASP D 55 -38.45 -20.71 2.38
C ASP D 55 -37.50 -20.64 1.21
N ALA D 56 -36.33 -20.04 1.45
CA ALA D 56 -35.30 -20.02 0.42
C ALA D 56 -33.97 -19.83 1.12
N ARG D 57 -32.89 -20.25 0.47
CA ARG D 57 -31.53 -20.08 1.00
C ARG D 57 -30.58 -19.74 -0.14
N PHE D 58 -29.42 -19.16 0.16
CA PHE D 58 -28.47 -18.83 -0.92
C PHE D 58 -27.04 -18.88 -0.41
N LYS D 59 -26.13 -19.02 -1.37
CA LYS D 59 -24.67 -18.95 -1.16
C LYS D 59 -24.13 -18.26 -2.41
N THR D 60 -23.29 -17.26 -2.24
CA THR D 60 -22.76 -16.54 -3.42
C THR D 60 -21.27 -16.27 -3.25
N PHE D 61 -20.53 -16.51 -4.33
CA PHE D 61 -19.11 -16.17 -4.52
C PHE D 61 -19.17 -14.99 -5.47
N GLY D 62 -18.81 -13.79 -5.03
CA GLY D 62 -18.92 -12.65 -5.94
C GLY D 62 -18.77 -11.37 -5.14
N CYS D 63 -18.81 -10.25 -5.88
CA CYS D 63 -18.58 -8.97 -5.20
C CYS D 63 -19.78 -8.65 -4.30
N GLY D 64 -19.68 -7.59 -3.52
CA GLY D 64 -20.79 -7.28 -2.62
C GLY D 64 -22.12 -7.09 -3.35
N SER D 65 -22.09 -6.48 -4.54
CA SER D 65 -23.35 -6.30 -5.25
C SER D 65 -23.95 -7.62 -5.72
N ALA D 66 -23.11 -8.63 -5.94
CA ALA D 66 -23.60 -9.98 -6.32
C ALA D 66 -24.22 -10.62 -5.09
N ILE D 67 -23.55 -10.46 -3.96
CA ILE D 67 -24.08 -11.03 -2.69
C ILE D 67 -25.41 -10.36 -2.38
N ALA D 68 -25.51 -9.05 -2.55
CA ALA D 68 -26.75 -8.31 -2.27
C ALA D 68 -27.84 -8.70 -3.26
N SER D 69 -27.48 -8.84 -4.54
CA SER D 69 -28.45 -9.22 -5.59
C SER D 69 -29.06 -10.58 -5.27
N SER D 70 -28.22 -11.57 -5.00
CA SER D 70 -28.70 -12.92 -4.69
C SER D 70 -29.42 -12.93 -3.35
N SER D 71 -28.90 -12.22 -2.38
CA SER D 71 -29.54 -12.17 -1.07
C SER D 71 -30.93 -11.53 -1.15
N LEU D 72 -31.04 -10.42 -1.90
CA LEU D 72 -32.34 -9.78 -2.08
C LEU D 72 -33.30 -10.71 -2.81
N ALA D 73 -32.83 -11.36 -3.87
CA ALA D 73 -33.69 -12.30 -4.59
C ALA D 73 -34.23 -13.37 -3.67
N THR D 74 -33.38 -13.88 -2.77
CA THR D 74 -33.78 -14.92 -1.84
C THR D 74 -34.85 -14.45 -0.86
N GLU D 75 -34.69 -13.23 -0.31
CA GLU D 75 -35.77 -12.67 0.50
C GLU D 75 -37.03 -12.51 -0.32
N TRP D 76 -36.91 -12.06 -1.58
CA TRP D 76 -38.12 -11.62 -2.29
C TRP D 76 -38.97 -12.79 -2.76
N VAL D 77 -38.35 -13.96 -2.98
CA VAL D 77 -39.15 -15.12 -3.43
C VAL D 77 -40.02 -15.69 -2.32
N LYS D 78 -39.69 -15.44 -1.05
CA LYS D 78 -40.49 -15.96 0.05
C LYS D 78 -41.88 -15.35 -0.01
N GLY D 79 -42.91 -16.21 0.05
CA GLY D 79 -44.28 -15.76 0.04
C GLY D 79 -44.86 -15.51 -1.34
N LYS D 80 -44.08 -15.67 -2.39
CA LYS D 80 -44.59 -15.67 -3.74
C LYS D 80 -45.00 -17.08 -4.13
N THR D 81 -46.06 -17.19 -4.91
CA THR D 81 -46.25 -18.44 -5.62
C THR D 81 -45.11 -18.62 -6.62
N VAL D 82 -44.96 -19.85 -7.09
CA VAL D 82 -43.98 -20.15 -8.13
C VAL D 82 -44.23 -19.27 -9.35
N GLU D 83 -45.50 -19.07 -9.71
CA GLU D 83 -45.81 -18.21 -10.84
C GLU D 83 -45.51 -16.73 -10.55
N GLU D 84 -45.79 -16.26 -9.32
CA GLU D 84 -45.43 -14.88 -8.97
C GLU D 84 -43.92 -14.68 -8.91
N ALA D 85 -43.14 -15.70 -8.52
CA ALA D 85 -41.70 -15.48 -8.41
C ALA D 85 -41.07 -15.25 -9.78
N LEU D 86 -41.67 -15.80 -10.85
CA LEU D 86 -41.17 -15.48 -12.18
C LEU D 86 -41.38 -14.03 -12.58
N THR D 87 -42.26 -13.31 -11.87
CA THR D 87 -42.44 -11.87 -12.11
C THR D 87 -41.17 -11.08 -11.81
N ILE D 88 -40.38 -11.52 -10.84
CA ILE D 88 -39.26 -10.75 -10.33
C ILE D 88 -38.23 -10.48 -11.42
N LYS D 89 -37.90 -9.19 -11.61
CA LYS D 89 -37.00 -8.76 -12.68
C LYS D 89 -35.68 -8.21 -12.15
N ASN D 90 -34.62 -8.46 -12.91
CA ASN D 90 -33.31 -7.87 -12.70
C ASN D 90 -33.40 -6.38 -12.41
N THR D 91 -34.33 -5.69 -13.10
CA THR D 91 -34.44 -4.24 -12.94
C THR D 91 -35.04 -3.85 -11.59
N ASP D 92 -35.97 -4.64 -11.04
CA ASP D 92 -36.44 -4.36 -9.68
C ASP D 92 -35.31 -4.55 -8.67
N ILE D 93 -34.54 -5.64 -8.83
CA ILE D 93 -33.41 -5.89 -7.93
C ILE D 93 -32.41 -4.73 -7.98
N ALA D 94 -32.01 -4.32 -9.20
CA ALA D 94 -31.06 -3.21 -9.32
C ALA D 94 -31.62 -1.91 -8.74
N LYS D 95 -32.91 -1.63 -9.00
CA LYS D 95 -33.58 -0.43 -8.44
C LYS D 95 -33.51 -0.41 -6.92
N GLU D 96 -33.93 -1.49 -6.28
CA GLU D 96 -33.88 -1.60 -4.82
C GLU D 96 -32.47 -1.37 -4.28
N LEU D 97 -31.45 -1.86 -4.98
CA LEU D 97 -30.08 -1.80 -4.46
C LEU D 97 -29.31 -0.57 -4.94
N CYS D 98 -29.92 0.28 -5.76
CA CYS D 98 -29.25 1.42 -6.41
C CYS D 98 -27.98 1.00 -7.15
N LEU D 99 -28.07 -0.10 -7.94
CA LEU D 99 -26.86 -0.65 -8.57
C LEU D 99 -26.35 0.29 -9.66
N PRO D 100 -25.07 0.58 -9.73
CA PRO D 100 -24.56 1.40 -10.87
C PRO D 100 -24.55 0.58 -12.14
N PRO D 101 -24.39 1.19 -13.32
CA PRO D 101 -24.49 0.37 -14.56
C PRO D 101 -23.44 -0.72 -14.63
N VAL D 102 -22.25 -0.53 -14.03
CA VAL D 102 -21.22 -1.55 -14.13
C VAL D 102 -21.54 -2.77 -13.26
N LYS D 103 -22.61 -2.72 -12.47
CA LYS D 103 -22.95 -3.87 -11.63
C LYS D 103 -24.29 -4.47 -12.00
N LEU D 104 -24.91 -3.98 -13.07
CA LEU D 104 -26.22 -4.50 -13.42
C LEU D 104 -26.15 -5.98 -13.81
N HIS D 105 -24.98 -6.45 -14.26
CA HIS D 105 -24.87 -7.87 -14.54
C HIS D 105 -25.12 -8.70 -13.29
N CYS D 106 -24.86 -8.14 -12.10
CA CYS D 106 -25.17 -8.88 -10.85
C CYS D 106 -26.66 -9.13 -10.69
N SER D 107 -27.49 -8.11 -10.97
CA SER D 107 -28.93 -8.28 -10.80
C SER D 107 -29.48 -9.19 -11.89
N MET D 108 -28.85 -9.22 -13.08
CA MET D 108 -29.27 -10.17 -14.11
CA MET D 108 -29.28 -10.17 -14.11
C MET D 108 -28.94 -11.59 -13.71
N LEU D 109 -27.75 -11.81 -13.16
CA LEU D 109 -27.44 -13.17 -12.69
C LEU D 109 -28.36 -13.60 -11.54
N ALA D 110 -28.73 -12.69 -10.61
CA ALA D 110 -29.69 -13.09 -9.58
C ALA D 110 -31.06 -13.44 -10.17
N GLU D 111 -31.51 -12.70 -11.19
CA GLU D 111 -32.74 -13.10 -11.88
C GLU D 111 -32.60 -14.49 -12.49
N ASP D 112 -31.43 -14.76 -13.15
CA ASP D 112 -31.14 -16.09 -13.70
C ASP D 112 -31.24 -17.17 -12.63
N ALA D 113 -30.77 -16.86 -11.42
CA ALA D 113 -30.77 -17.86 -10.35
C ALA D 113 -32.20 -18.17 -9.90
N ILE D 114 -33.04 -17.14 -9.75
CA ILE D 114 -34.45 -17.36 -9.45
C ILE D 114 -35.06 -18.31 -10.47
N LYS D 115 -34.85 -18.03 -11.76
CA LYS D 115 -35.51 -18.85 -12.77
C LYS D 115 -34.92 -20.24 -12.82
N ALA D 116 -33.61 -20.37 -12.63
CA ALA D 116 -33.02 -21.71 -12.56
C ALA D 116 -33.58 -22.51 -11.39
N ALA D 117 -33.75 -21.87 -10.22
CA ALA D 117 -34.30 -22.63 -9.10
C ALA D 117 -35.73 -23.06 -9.41
N LEU D 118 -36.51 -22.14 -9.98
CA LEU D 118 -37.91 -22.45 -10.32
C LEU D 118 -38.00 -23.53 -11.39
N ALA D 119 -37.12 -23.52 -12.39
CA ALA D 119 -37.15 -24.57 -13.43
C ALA D 119 -36.77 -25.94 -12.85
N ASP D 120 -35.82 -25.96 -11.92
CA ASP D 120 -35.47 -27.19 -11.21
C ASP D 120 -36.67 -27.73 -10.45
N TYR D 121 -37.32 -26.86 -9.67
CA TYR D 121 -38.55 -27.26 -9.00
C TYR D 121 -39.60 -27.80 -9.97
N LYS D 122 -39.83 -27.09 -11.08
CA LYS D 122 -40.87 -27.53 -12.02
C LYS D 122 -40.52 -28.84 -12.70
N LEU D 123 -39.24 -29.12 -12.95
CA LEU D 123 -38.86 -30.41 -13.54
C LEU D 123 -39.12 -31.55 -12.57
N LYS D 124 -39.02 -31.30 -11.26
CA LYS D 124 -39.25 -32.36 -10.28
C LYS D 124 -40.72 -32.76 -10.16
N GLN D 125 -41.58 -31.79 -10.47
CA GLN D 125 -43.06 -31.81 -10.32
C GLN D 125 -43.76 -32.76 -11.30
N GLU D 126 -43.38 -32.77 -12.59
CA GLU D 126 -44.01 -33.72 -13.54
C GLU D 126 -43.88 -35.12 -12.94
N PRO D 127 -44.98 -35.74 -12.48
CA PRO D 127 -44.94 -36.99 -11.72
C PRO D 127 -44.05 -38.09 -12.32
N1 PLP E . 4.87 2.86 -12.70
C2 PLP E . 4.66 2.24 -11.52
C2A PLP E . 5.28 0.86 -11.24
C3 PLP E . 3.89 2.84 -10.57
O3 PLP E . 3.74 2.15 -9.39
C4 PLP E . 3.33 4.08 -10.78
C4A PLP E . 2.54 4.72 -9.67
C5 PLP E . 3.52 4.72 -12.02
C6 PLP E . 4.29 4.11 -12.96
C5A PLP E . 2.91 6.10 -12.38
O4P PLP E . 3.53 7.02 -11.53
P PLP E . 2.79 8.50 -11.40
O1P PLP E . 3.78 9.40 -10.62
O2P PLP E . 2.53 9.00 -12.83
O3P PLP E . 1.53 8.23 -10.59
C1 EDO F . 5.36 -0.36 16.79
O1 EDO F . 4.82 -0.73 15.54
C2 EDO F . 4.30 0.17 17.76
O2 EDO F . 3.88 1.49 17.47
C1 EDO G . 4.72 -9.39 -29.72
O1 EDO G . 3.89 -8.33 -30.12
C2 EDO G . 4.38 -9.85 -28.30
O2 EDO G . 5.49 -10.40 -27.66
C1 GOL H . -15.14 -21.79 9.39
O1 GOL H . -13.81 -21.95 9.82
C2 GOL H . -15.32 -22.29 7.95
O2 GOL H . -16.59 -22.88 7.74
C3 GOL H . -15.06 -21.15 6.95
O3 GOL H . -13.82 -21.32 6.33
C1 PEG I . 20.88 13.42 -21.21
O1 PEG I . 21.54 13.25 -19.99
C2 PEG I . 21.60 12.67 -22.34
O2 PEG I . 21.11 13.16 -23.56
C3 PEG I . 19.75 13.58 -23.56
C4 PEG I . 19.38 14.38 -24.81
O4 PEG I . 18.38 13.73 -25.54
C1 PEG J . 28.42 9.40 -8.69
O1 PEG J . 28.40 8.79 -9.96
C2 PEG J . 28.67 10.90 -8.89
O2 PEG J . 28.21 11.31 -10.16
C3 PEG J . 28.89 12.39 -10.72
C4 PEG J . 28.17 13.72 -10.49
O4 PEG J . 28.11 14.08 -9.13
C1 EDO K . 3.41 27.03 -6.67
O1 EDO K . 2.67 26.02 -6.09
C2 EDO K . 3.12 28.40 -6.06
O2 EDO K . 3.78 28.77 -4.83
C1 GOL L . -12.69 1.30 3.71
O1 GOL L . -12.78 2.71 3.54
C2 GOL L . -13.90 0.56 3.08
O2 GOL L . -15.15 0.49 3.86
C3 GOL L . -13.34 -0.82 2.70
O3 GOL L . -14.36 -1.69 2.28
C1 EDO M . -18.54 -6.10 6.99
O1 EDO M . -17.54 -6.34 7.81
C2 EDO M . -18.21 -4.79 6.40
O2 EDO M . -18.95 -4.85 5.28
C1 EDO N . -5.01 -23.47 8.91
O1 EDO N . -6.11 -24.33 9.06
C2 EDO N . -4.19 -24.01 7.74
O2 EDO N . -3.08 -23.19 7.49
C1 EDO O . -15.17 3.47 5.13
O1 EDO O . -14.16 3.43 6.07
C2 EDO O . -16.43 2.78 5.61
O2 EDO O . -16.90 2.17 4.46
C1 EDO P . -3.22 -6.06 -21.03
O1 EDO P . -1.89 -6.46 -20.84
C2 EDO P . -3.59 -4.75 -20.31
O2 EDO P . -2.92 -3.63 -20.85
C1 EDO Q . 22.67 22.64 -4.85
O1 EDO Q . 22.50 23.25 -6.09
C2 EDO Q . 23.23 21.22 -4.92
O2 EDO Q . 23.18 20.72 -3.60
C1 EDO R . 21.80 26.87 -8.30
O1 EDO R . 22.40 26.90 -7.02
C2 EDO R . 21.33 28.28 -8.55
O2 EDO R . 20.20 28.32 -9.37
C1 EDO S . 26.55 1.47 -19.15
O1 EDO S . 27.13 2.00 -17.99
C2 EDO S . 25.04 1.44 -18.95
O2 EDO S . 24.37 1.47 -20.18
C1 EDO T . 5.09 19.96 -14.45
O1 EDO T . 4.60 19.15 -13.53
C2 EDO T . 4.18 20.95 -15.12
O2 EDO T . 5.08 21.92 -15.27
C1 EDO U . 19.24 0.84 10.31
O1 EDO U . 18.50 -0.03 11.15
C2 EDO U . 19.23 2.31 10.80
O2 EDO U . 19.75 3.20 9.82
C1 EDO V . 12.05 -18.29 -10.78
O1 EDO V . 11.77 -17.28 -11.68
C2 EDO V . 12.23 -17.62 -9.46
O2 EDO V . 12.15 -18.59 -8.48
C1 PEG W . 12.47 25.69 6.70
O1 PEG W . 11.69 24.74 5.99
C2 PEG W . 11.54 26.83 7.15
O2 PEG W . 11.54 27.08 8.54
C3 PEG W . 10.80 28.21 9.02
C4 PEG W . 11.53 29.52 8.65
O4 PEG W . 10.78 30.69 8.93
O1 PG4 X . 25.81 10.83 -6.83
C1 PG4 X . 26.69 11.23 -5.79
C2 PG4 X . 26.28 12.54 -5.10
O2 PG4 X . 25.77 12.36 -3.82
C3 PG4 X . 26.66 12.06 -2.77
C4 PG4 X . 26.26 10.72 -2.15
O3 PG4 X . 25.10 10.82 -1.36
C5 PG4 X . 25.22 11.66 -0.24
C6 PG4 X . 24.19 12.80 -0.26
O4 PG4 X . 24.02 13.33 1.03
C7 PG4 X . 22.71 13.38 1.52
C8 PG4 X . 22.31 12.03 2.12
O5 PG4 X . 22.00 12.17 3.48
O1 PG4 Y . 4.79 -14.29 13.42
C1 PG4 Y . 4.78 -13.43 14.55
C2 PG4 Y . 3.80 -13.93 15.63
O2 PG4 Y . 2.96 -12.91 16.12
C3 PG4 Y . 1.77 -13.34 16.75
C4 PG4 Y . 0.91 -12.19 17.29
O3 PG4 Y . -0.42 -12.17 16.79
C5 PG4 Y . -1.31 -13.10 17.37
C6 PG4 Y . -1.41 -14.38 16.54
O4 PG4 Y . -2.73 -14.59 16.13
C7 PG4 Y . -2.90 -14.79 14.76
C8 PG4 Y . -4.35 -14.48 14.38
O5 PG4 Y . -4.66 -13.11 14.50
C1 PEG Z . 18.59 -1.84 2.72
O1 PEG Z . 19.50 -0.82 2.37
C2 PEG Z . 17.99 -2.44 1.45
O2 PEG Z . 17.91 -3.84 1.47
C3 PEG Z . 17.38 -4.40 0.29
C4 PEG Z . 17.77 -5.87 0.27
O4 PEG Z . 18.11 -6.22 1.59
C1 EDO AA . 28.87 -7.54 -18.69
O1 EDO AA . 29.30 -7.75 -17.36
C2 EDO AA . 28.48 -6.06 -18.86
O2 EDO AA . 27.66 -5.82 -19.98
C1 EDO BA . 31.73 16.84 -17.25
O1 EDO BA . 31.70 15.47 -16.92
C2 EDO BA . 31.52 16.99 -18.76
O2 EDO BA . 31.14 18.32 -18.98
C1 EDO CA . 24.65 7.64 1.84
O1 EDO CA . 24.02 6.63 1.08
C2 EDO CA . 23.66 8.26 2.83
O2 EDO CA . 23.04 7.25 3.56
OH2 ETE DA . -9.81 -22.22 -6.37
C12 ETE DA . -8.52 -22.82 -6.29
C22 ETE DA . -8.26 -23.50 -4.95
OH3 ETE DA . -6.95 -24.00 -4.87
C13 ETE DA . -6.16 -24.23 -2.58
C23 ETE DA . -6.66 -24.94 -3.86
OH4 ETE DA . -4.93 -24.71 -2.05
C14 ETE DA . -3.12 -24.30 -0.39
C24 ETE DA . -3.95 -23.78 -1.59
OH5 ETE DA . -2.28 -23.30 0.17
C15 ETE DA . -1.27 -22.22 2.18
C25 ETE DA . -1.86 -23.48 1.51
OH6 ETE DA . -1.65 -22.02 3.53
C26 ETE DA . -2.86 -21.32 3.63
C1 PEG EA . 1.78 -10.52 -26.04
O1 PEG EA . 2.82 -11.45 -26.22
C2 PEG EA . 1.44 -10.38 -24.54
O2 PEG EA . 0.69 -9.23 -24.33
C3 PEG EA . 1.08 -8.42 -23.23
C4 PEG EA . 0.35 -7.08 -23.27
O4 PEG EA . 0.45 -6.48 -24.54
C1 EDO FA . 28.19 17.28 -10.63
O1 EDO FA . 27.60 17.81 -11.83
C2 EDO FA . 27.60 17.89 -9.35
O2 EDO FA . 27.35 16.94 -8.30
C1 PEG GA . 5.06 -17.66 0.22
O1 PEG GA . 4.97 -18.39 -0.98
C2 PEG GA . 5.14 -18.58 1.44
O2 PEG GA . 5.52 -17.90 2.59
C3 PEG GA . 6.76 -17.27 2.52
C4 PEG GA . 6.76 -16.09 3.49
O4 PEG GA . 7.53 -15.05 2.95
C1 EDO HA . 0.18 -5.20 18.29
O1 EDO HA . 1.40 -4.63 18.71
C2 EDO HA . -0.88 -5.18 19.40
O2 EDO HA . -2.21 -5.34 18.92
C1 EDO IA . 22.98 -9.42 -9.75
O1 EDO IA . 24.28 -9.60 -10.19
C2 EDO IA . 23.00 -9.87 -8.29
O2 EDO IA . 21.74 -10.40 -7.98
C1 EDO JA . -7.86 -6.23 16.82
O1 EDO JA . -8.82 -5.57 17.63
C2 EDO JA . -6.52 -6.36 17.54
O2 EDO JA . -5.59 -7.04 16.74
C1 EDO KA . 20.89 8.46 -34.96
O1 EDO KA . 20.83 7.17 -35.53
C2 EDO KA . 22.10 8.54 -34.02
O2 EDO KA . 22.52 9.88 -33.90
C1 EDO LA . -15.53 -15.47 13.72
O1 EDO LA . -14.12 -15.53 13.91
C2 EDO LA . -15.95 -14.95 12.34
O2 EDO LA . -15.45 -15.69 11.24
C1 PGE MA . 16.62 14.88 6.49
O1 PGE MA . 15.98 13.98 7.38
C2 PGE MA . 15.56 15.67 5.75
O2 PGE MA . 16.16 16.24 4.61
C3 PGE MA . 15.25 16.53 3.57
C4 PGE MA . 14.50 17.81 3.89
O4 PGE MA . 14.66 20.97 0.85
C6 PGE MA . 15.55 19.85 0.91
C5 PGE MA . 15.28 18.64 1.79
O3 PGE MA . 15.05 18.90 3.15
C1 EDO NA . 18.39 9.78 11.93
O1 EDO NA . 18.89 8.88 10.97
C2 EDO NA . 17.11 10.46 11.46
O2 EDO NA . 16.03 9.56 11.20
C1 PEG OA . 13.26 22.45 -27.20
O1 PEG OA . 12.30 23.46 -27.32
C2 PEG OA . 12.62 21.06 -27.32
O2 PEG OA . 11.34 21.08 -27.93
C3 PEG OA . 11.20 20.17 -29.00
C4 PEG OA . 9.94 19.31 -28.86
O4 PEG OA . 9.04 19.69 -29.88
C1 EDO PA . 15.60 -10.54 -2.07
O1 EDO PA . 16.19 -9.64 -2.99
C2 EDO PA . 14.14 -10.14 -1.82
O2 EDO PA . 13.34 -11.18 -1.31
C1 PEG QA . -16.01 -6.57 11.45
O1 PEG QA . -15.44 -7.71 12.04
C2 PEG QA . -17.53 -6.82 11.35
O2 PEG QA . -18.15 -6.12 10.30
C3 PEG QA . -19.57 -6.15 10.33
C4 PEG QA . -20.08 -7.40 11.07
O4 PEG QA . -21.45 -7.66 10.87
C1 PEG RA . 15.54 30.24 3.65
O1 PEG RA . 16.61 30.95 4.22
C2 PEG RA . 16.07 28.89 3.11
O2 PEG RA . 16.65 29.09 1.85
C3 PEG RA . 17.99 29.52 1.89
C4 PEG RA . 18.88 28.71 0.94
O4 PEG RA . 19.09 27.40 1.41
C1 EDO SA . 0.46 4.91 7.16
O1 EDO SA . 0.89 3.98 6.20
C2 EDO SA . -0.18 6.02 6.31
O2 EDO SA . -0.51 7.08 7.13
C1 EDO TA . 14.91 22.43 23.97
O1 EDO TA . 14.04 22.26 25.07
C2 EDO TA . 16.06 21.44 24.05
O2 EDO TA . 16.83 21.59 22.90
C1 EDO UA . 17.51 24.82 14.78
O1 EDO UA . 17.83 24.07 13.64
C2 EDO UA . 18.69 25.75 15.07
O2 EDO UA . 18.56 26.23 16.38
O1 MES VA . 15.04 -1.11 28.63
C2 MES VA . 16.10 -1.85 29.24
C3 MES VA . 17.51 -1.33 28.86
N4 MES VA . 17.66 -1.24 27.44
C5 MES VA . 16.64 -0.42 26.84
C6 MES VA . 15.23 -0.91 27.23
C7 MES VA . 19.05 -0.74 27.04
C8 MES VA . 19.79 -0.03 28.25
S MES VA . 21.60 -0.26 28.17
O1S MES VA . 22.14 -0.03 26.77
O2S MES VA . 22.30 0.63 29.17
O3S MES VA . 22.00 -1.61 28.69
C1 EDO WA . 16.24 -0.38 13.93
O1 EDO WA . 15.38 -0.98 14.88
C2 EDO WA . 17.54 0.09 14.58
O2 EDO WA . 17.53 1.48 14.72
C1 EDO XA . 10.41 27.35 19.63
O1 EDO XA . 9.90 27.54 18.33
C2 EDO XA . 9.32 27.43 20.70
O2 EDO XA . 9.91 27.05 21.92
C1 PEG YA . 8.90 28.35 13.71
O1 PEG YA . 8.94 29.06 12.50
C2 PEG YA . 9.70 27.03 13.72
O2 PEG YA . 9.22 26.23 14.79
C3 PEG YA . 8.35 26.81 15.79
C4 PEG YA . 6.96 26.17 15.81
O4 PEG YA . 6.06 26.72 16.77
C1 EDO ZA . -4.19 12.65 20.25
O1 EDO ZA . -4.60 11.36 20.58
C2 EDO ZA . -2.80 12.93 20.84
O2 EDO ZA . -2.34 14.19 20.45
C4 EDT AB . -2.16 5.19 21.92
N3 EDT AB . -1.91 5.39 20.49
C2 EDT AB . -3.16 5.45 19.74
C1 EDT AB . -4.08 4.26 20.07
O18 EDT AB . -5.06 4.42 20.87
O17 EDT AB . -3.88 3.14 19.53
C6 EDT AB . -1.14 6.59 20.22
C7 EDT AB . -0.97 7.44 21.49
N8 EDT AB . 0.44 7.74 21.75
C9 EDT AB . 1.27 7.49 20.55
C10 EDT AB . 2.73 7.07 20.85
O16 EDT AB . 3.28 6.13 20.17
O15 EDT AB . 3.37 7.69 21.77
C11 EDT AB . 0.76 8.93 22.58
C12 EDT AB . -0.27 10.08 22.71
O13 EDT AB . 0.10 11.28 22.67
O14 EDT AB . -1.51 9.86 22.88
O4 8Q1 BB . 21.64 10.61 17.84
C16 8Q1 BB . 8.82 13.60 11.40
O3 8Q1 BB . 23.88 9.13 30.74
C15 8Q1 BB . 10.13 12.82 11.69
C14 8Q1 BB . 10.98 12.95 12.75
C13 8Q1 BB . 12.22 12.03 12.95
O2 8Q1 BB . 22.90 6.87 29.52
C12 8Q1 BB . 13.23 12.29 13.83
C11 8Q1 BB . 14.47 11.37 14.08
C10 8Q1 BB . 15.39 12.11 15.14
C9 8Q1 BB . 16.78 11.44 15.37
C8 8Q1 BB . 17.93 12.33 16.00
C7 8Q1 BB . 19.22 11.47 16.33
C6 8Q1 BB . 19.99 12.33 17.40
C1 8Q1 BB . 21.26 11.70 18.03
C28 8Q1 BB . 22.82 8.92 26.98
C29 8Q1 BB . 23.74 9.57 25.90
C30 8Q1 BB . 23.16 9.28 24.48
C31 8Q1 BB . 23.75 11.12 26.14
C32 8Q1 BB . 25.16 9.00 26.08
C34 8Q1 BB . 26.16 9.78 25.23
C37 8Q1 BB . 27.56 9.95 23.20
C38 8Q1 BB . 27.02 9.83 21.74
C39 8Q1 BB . 25.73 10.64 21.50
C42 8Q1 BB . 23.47 10.91 20.48
C43 8Q1 BB . 23.65 11.90 19.33
N36 8Q1 BB . 26.61 9.16 24.00
N41 8Q1 BB . 24.68 10.08 20.67
O27 8Q1 BB . 23.48 9.19 28.17
O33 8Q1 BB . 25.18 7.68 25.65
O35 8Q1 BB . 26.58 10.87 25.52
O40 8Q1 BB . 25.55 11.74 21.95
P24 8Q1 BB . 22.96 8.49 29.56
S44 8Q1 BB . 22.11 12.85 19.11
C1 EDO CB . 22.48 6.65 33.81
O1 EDO CB . 22.29 8.02 34.05
C2 EDO CB . 23.87 6.36 33.24
O2 EDO CB . 23.73 5.91 31.92
C1 EDO DB . 6.55 20.34 40.40
O1 EDO DB . 6.29 20.24 41.78
C2 EDO DB . 6.20 21.73 39.87
O2 EDO DB . 5.91 21.71 38.49
C1 EDO EB . -33.68 2.06 -2.86
O1 EDO EB . -33.73 1.63 -1.51
C2 EDO EB . -35.06 2.44 -3.35
O2 EDO EB . -34.97 2.87 -4.68
C1 EDO FB . -23.73 -21.82 6.16
O1 EDO FB . -22.45 -22.20 5.70
C2 EDO FB . -24.63 -23.05 6.38
O2 EDO FB . -24.84 -23.71 5.15
C1 EDO GB . -28.99 -23.81 5.99
O1 EDO GB . -27.70 -24.15 6.43
C2 EDO GB . -30.04 -24.17 7.03
O2 EDO GB . -31.33 -23.90 6.50
OH2 1PE HB . -43.72 -10.81 -1.42
C12 1PE HB . -45.01 -11.19 -0.98
C22 1PE HB . -45.80 -11.89 -2.09
OH3 1PE HB . -46.16 -10.99 -3.11
C13 1PE HB . -46.86 -10.50 -5.34
C23 1PE HB . -46.83 -11.53 -4.21
OH4 1PE HB . -46.14 -10.93 -6.46
C14 1PE HB . -44.10 -10.35 -7.70
C24 1PE HB . -45.45 -9.90 -7.14
OH5 1PE HB . -43.33 -9.24 -8.15
C15 1PE HB . -41.81 -7.87 -6.92
C25 1PE HB . -42.02 -9.19 -7.66
OH6 1PE HB . -41.28 -8.18 -5.65
C16 1PE HB . -41.55 -7.21 -3.47
C26 1PE HB . -40.94 -7.07 -4.87
OH7 1PE HB . -41.77 -8.56 -3.22
C1 GOL IB . -30.75 -36.73 1.94
O1 GOL IB . -32.03 -36.25 1.61
C2 GOL IB . -29.89 -35.63 2.56
O2 GOL IB . -30.15 -35.64 3.93
C3 GOL IB . -28.39 -35.92 2.34
O3 GOL IB . -27.98 -37.12 2.98
C1 EDO JB . -37.23 -6.47 1.05
O1 EDO JB . -36.52 -5.27 1.28
C2 EDO JB . -37.19 -7.35 2.30
O2 EDO JB . -38.08 -8.44 2.16
#